data_2NTK
#
_entry.id   2NTK
#
_cell.length_a   85.975
_cell.length_b   85.975
_cell.length_c   124.442
_cell.angle_alpha   90.00
_cell.angle_beta   90.00
_cell.angle_gamma   120.00
#
_symmetry.space_group_name_H-M   'P 32'
#
loop_
_entity.id
_entity.type
_entity.pdbx_description
1 polymer 'IMP cyclohydrolase'
2 non-polymer 'INOSINIC ACID'
3 water water
#
_entity_poly.entity_id   1
_entity_poly.type   'polypeptide(L)'
_entity_poly.pdbx_seq_one_letter_code
;MGSSHHHHHHSSGLVPRGSHMYLGRILAVGRNSNGSFVAYRVSSRSFPNRTTSIQEERVAVVPVEGHERDVFRNPYIAYN
CIRIVGDTAVVSNGSHTDTIADKVALGMNLRDAIGLSLLAMDYEKDELNTPRIAAAINGSEAFIGIVTADGLMVSRVPEE
TPVYISTYEQTEPAATEFKAGSPEEAAEFILKGGEFAAFTHPVTAAAAFNDGEGWNLATREM
;
_entity_poly.pdbx_strand_id   A,B,C,D
#
loop_
_chem_comp.id
_chem_comp.type
_chem_comp.name
_chem_comp.formula
IMP non-polymer 'INOSINIC ACID' 'C10 H13 N4 O8 P'
#
# COMPACT_ATOMS: atom_id res chain seq x y z
N ARG A 17 -31.94 -9.64 -2.47
CA ARG A 17 -32.07 -9.30 -3.91
C ARG A 17 -33.22 -8.34 -4.21
N GLY A 18 -34.01 -8.67 -5.22
CA GLY A 18 -35.14 -7.86 -5.65
C GLY A 18 -35.99 -7.14 -4.60
N SER A 19 -36.32 -7.82 -3.51
CA SER A 19 -37.14 -7.21 -2.47
C SER A 19 -36.37 -6.18 -1.64
N HIS A 20 -35.05 -6.11 -1.81
CA HIS A 20 -34.21 -5.15 -1.09
C HIS A 20 -33.87 -3.98 -2.01
N MET A 21 -34.72 -2.95 -1.98
CA MET A 21 -34.51 -1.78 -2.84
C MET A 21 -33.75 -0.64 -2.16
N TYR A 22 -33.22 -0.92 -0.98
CA TYR A 22 -32.44 0.05 -0.25
C TYR A 22 -30.98 -0.19 -0.59
N LEU A 23 -30.37 0.78 -1.28
CA LEU A 23 -28.97 0.65 -1.69
C LEU A 23 -27.99 1.42 -0.81
N GLY A 24 -28.51 2.18 0.15
CA GLY A 24 -27.64 2.94 1.03
C GLY A 24 -27.04 4.11 0.27
N ARG A 25 -25.73 4.35 0.42
CA ARG A 25 -25.09 5.46 -0.28
C ARG A 25 -24.75 5.06 -1.73
N ILE A 26 -25.03 5.96 -2.66
CA ILE A 26 -24.81 5.67 -4.08
C ILE A 26 -23.97 6.72 -4.80
N LEU A 27 -23.15 6.28 -5.73
CA LEU A 27 -22.34 7.21 -6.52
C LEU A 27 -22.39 6.77 -7.97
N ALA A 28 -22.28 7.74 -8.87
CA ALA A 28 -22.30 7.48 -10.30
C ALA A 28 -21.17 8.30 -10.90
N VAL A 29 -20.60 7.79 -11.99
CA VAL A 29 -19.48 8.48 -12.63
C VAL A 29 -19.46 8.11 -14.10
N GLY A 30 -19.03 9.06 -14.93
CA GLY A 30 -18.96 8.78 -16.36
C GLY A 30 -19.06 10.00 -17.23
N ARG A 31 -19.34 9.78 -18.50
CA ARG A 31 -19.48 10.87 -19.46
C ARG A 31 -20.69 10.61 -20.34
N ASN A 32 -21.31 11.69 -20.80
CA ASN A 32 -22.45 11.58 -21.72
C ASN A 32 -22.17 12.64 -22.77
N SER A 33 -23.11 12.83 -23.71
CA SER A 33 -22.93 13.82 -24.77
C SER A 33 -22.71 15.25 -24.28
N ASN A 34 -23.13 15.54 -23.05
CA ASN A 34 -22.99 16.88 -22.50
C ASN A 34 -21.69 17.13 -21.74
N GLY A 35 -21.04 16.06 -21.28
CA GLY A 35 -19.81 16.23 -20.54
C GLY A 35 -19.53 15.10 -19.57
N SER A 36 -18.60 15.33 -18.64
CA SER A 36 -18.24 14.32 -17.66
C SER A 36 -18.78 14.68 -16.29
N PHE A 37 -18.95 13.69 -15.41
CA PHE A 37 -19.51 13.96 -14.10
C PHE A 37 -19.31 12.88 -13.05
N VAL A 38 -19.65 13.25 -11.82
CA VAL A 38 -19.67 12.34 -10.67
C VAL A 38 -20.94 12.80 -9.97
N ALA A 39 -21.69 11.86 -9.41
CA ALA A 39 -22.91 12.19 -8.72
C ALA A 39 -22.94 11.35 -7.44
N TYR A 40 -23.52 11.92 -6.38
CA TYR A 40 -23.58 11.23 -5.10
C TYR A 40 -24.94 11.40 -4.46
N ARG A 41 -25.40 10.33 -3.81
CA ARG A 41 -26.69 10.39 -3.15
C ARG A 41 -26.66 9.67 -1.82
N VAL A 42 -27.16 10.35 -0.80
CA VAL A 42 -27.24 9.75 0.51
C VAL A 42 -28.64 9.18 0.68
N SER A 43 -28.71 7.89 0.99
CA SER A 43 -29.97 7.21 1.28
C SER A 43 -29.66 6.80 2.70
N SER A 44 -30.61 6.92 3.61
CA SER A 44 -30.32 6.53 4.99
C SER A 44 -31.57 6.24 5.79
N ARG A 45 -31.47 5.25 6.67
CA ARG A 45 -32.59 4.87 7.52
C ARG A 45 -32.36 5.40 8.93
N SER A 46 -31.19 5.15 9.48
CA SER A 46 -30.87 5.58 10.84
C SER A 46 -30.30 6.99 10.98
N PHE A 47 -29.87 7.61 9.89
CA PHE A 47 -29.34 8.98 9.96
C PHE A 47 -29.85 9.83 8.79
N PRO A 48 -31.18 10.04 8.75
CA PRO A 48 -31.83 10.83 7.71
C PRO A 48 -31.73 12.36 7.88
N ASN A 49 -31.29 12.80 9.05
CA ASN A 49 -31.18 14.24 9.33
C ASN A 49 -29.86 14.84 8.85
N ARG A 50 -29.61 14.73 7.55
CA ARG A 50 -28.38 15.24 6.96
C ARG A 50 -28.66 15.95 5.64
N THR A 51 -27.74 16.83 5.26
CA THR A 51 -27.85 17.58 4.02
C THR A 51 -26.46 17.71 3.39
N THR A 52 -26.40 18.27 2.18
CA THR A 52 -25.11 18.47 1.52
C THR A 52 -24.76 19.95 1.52
N SER A 53 -23.48 20.25 1.68
CA SER A 53 -23.00 21.62 1.74
C SER A 53 -21.83 21.88 0.80
N ILE A 54 -21.94 22.92 -0.01
CA ILE A 54 -20.88 23.26 -0.94
C ILE A 54 -19.87 24.22 -0.33
N GLN A 55 -18.60 23.87 -0.44
CA GLN A 55 -17.52 24.70 0.06
C GLN A 55 -16.49 24.77 -1.07
N GLU A 56 -15.35 25.41 -0.84
CA GLU A 56 -14.36 25.53 -1.90
C GLU A 56 -13.86 24.20 -2.50
N GLU A 57 -14.21 23.96 -3.75
CA GLU A 57 -13.81 22.76 -4.48
C GLU A 57 -14.24 21.46 -3.81
N ARG A 58 -15.30 21.50 -3.02
CA ARG A 58 -15.78 20.30 -2.34
C ARG A 58 -17.22 20.38 -1.88
N VAL A 59 -17.82 19.20 -1.67
CA VAL A 59 -19.19 19.10 -1.18
C VAL A 59 -19.15 18.18 0.02
N ALA A 60 -19.69 18.64 1.12
CA ALA A 60 -19.68 17.84 2.34
C ALA A 60 -21.06 17.35 2.74
N VAL A 61 -21.10 16.18 3.36
CA VAL A 61 -22.34 15.60 3.87
C VAL A 61 -22.24 15.96 5.34
N VAL A 62 -23.22 16.73 5.83
CA VAL A 62 -23.21 17.18 7.22
C VAL A 62 -24.61 17.11 7.85
N PRO A 63 -24.66 17.10 9.19
CA PRO A 63 -25.96 17.05 9.88
C PRO A 63 -26.70 18.37 9.66
N VAL A 64 -28.02 18.32 9.67
CA VAL A 64 -28.83 19.53 9.51
C VAL A 64 -28.82 20.24 10.87
N GLU A 65 -29.15 21.53 10.89
CA GLU A 65 -29.17 22.28 12.15
C GLU A 65 -29.94 21.53 13.23
N GLY A 66 -29.35 21.45 14.42
CA GLY A 66 -29.99 20.78 15.54
C GLY A 66 -29.59 19.33 15.72
N HIS A 67 -28.74 18.81 14.83
CA HIS A 67 -28.29 17.43 14.92
C HIS A 67 -26.77 17.30 14.84
N GLU A 68 -26.08 18.42 15.05
CA GLU A 68 -24.62 18.43 14.98
C GLU A 68 -23.97 17.31 15.79
N ARG A 69 -24.53 17.01 16.96
CA ARG A 69 -23.95 15.98 17.82
C ARG A 69 -23.98 14.55 17.29
N ASP A 70 -24.67 14.33 16.17
CA ASP A 70 -24.71 12.98 15.62
C ASP A 70 -23.33 12.52 15.18
N VAL A 71 -22.47 13.46 14.80
CA VAL A 71 -21.13 13.08 14.36
C VAL A 71 -20.34 12.42 15.49
N PHE A 72 -20.76 12.64 16.73
CA PHE A 72 -20.07 12.02 17.86
C PHE A 72 -20.69 10.66 18.19
N ARG A 73 -21.81 10.34 17.55
CA ARG A 73 -22.47 9.06 17.78
C ARG A 73 -22.02 8.03 16.74
N ASN A 74 -21.73 8.50 15.54
CA ASN A 74 -21.27 7.63 14.45
C ASN A 74 -20.27 8.43 13.64
N PRO A 75 -19.03 7.91 13.51
CA PRO A 75 -17.95 8.55 12.77
C PRO A 75 -18.00 8.45 11.25
N TYR A 76 -19.05 7.83 10.73
CA TYR A 76 -19.17 7.65 9.28
C TYR A 76 -20.25 8.45 8.61
N ILE A 77 -20.91 9.35 9.33
CA ILE A 77 -22.02 10.10 8.74
C ILE A 77 -21.72 11.50 8.22
N ALA A 78 -20.58 12.07 8.57
CA ALA A 78 -20.22 13.41 8.10
C ALA A 78 -18.86 13.31 7.41
N TYR A 79 -18.78 13.84 6.18
CA TYR A 79 -17.52 13.74 5.42
C TYR A 79 -17.68 14.47 4.10
N ASN A 80 -16.57 14.72 3.40
CA ASN A 80 -16.66 15.33 2.08
C ASN A 80 -16.98 14.20 1.12
N CYS A 81 -18.06 14.33 0.36
CA CYS A 81 -18.45 13.29 -0.60
C CYS A 81 -17.90 13.60 -1.98
N ILE A 82 -17.51 14.85 -2.21
CA ILE A 82 -16.95 15.25 -3.50
C ILE A 82 -15.81 16.25 -3.29
N ARG A 83 -14.70 16.05 -4.02
CA ARG A 83 -13.51 16.91 -3.96
C ARG A 83 -13.06 17.15 -5.40
N ILE A 84 -12.75 18.39 -5.72
CA ILE A 84 -12.24 18.70 -7.05
C ILE A 84 -10.77 19.09 -6.92
N VAL A 85 -9.89 18.37 -7.62
CA VAL A 85 -8.48 18.70 -7.59
C VAL A 85 -8.05 18.90 -9.05
N GLY A 86 -7.88 20.16 -9.43
CA GLY A 86 -7.50 20.47 -10.79
C GLY A 86 -8.54 19.95 -11.77
N ASP A 87 -8.09 19.14 -12.72
CA ASP A 87 -8.99 18.57 -13.73
C ASP A 87 -9.66 17.30 -13.25
N THR A 88 -9.39 16.89 -12.01
CA THR A 88 -9.98 15.66 -11.49
C THR A 88 -11.11 15.82 -10.47
N ALA A 89 -12.17 15.02 -10.64
CA ALA A 89 -13.28 15.02 -9.70
C ALA A 89 -13.25 13.68 -8.96
N VAL A 90 -13.32 13.74 -7.63
CA VAL A 90 -13.33 12.56 -6.78
C VAL A 90 -14.64 12.49 -6.00
N VAL A 91 -15.23 11.31 -5.94
CA VAL A 91 -16.48 11.11 -5.20
C VAL A 91 -16.40 9.83 -4.36
N SER A 92 -16.94 9.87 -3.14
CA SER A 92 -16.91 8.71 -2.26
C SER A 92 -17.88 8.86 -1.09
N ASN A 93 -18.16 7.75 -0.41
CA ASN A 93 -19.09 7.76 0.71
C ASN A 93 -18.42 7.98 2.07
N GLY A 94 -17.19 8.48 2.06
CA GLY A 94 -16.51 8.69 3.33
C GLY A 94 -15.34 9.65 3.28
N SER A 95 -14.57 9.69 4.36
CA SER A 95 -13.43 10.58 4.44
C SER A 95 -12.32 10.17 3.49
N HIS A 96 -12.45 9.00 2.87
CA HIS A 96 -11.44 8.56 1.92
C HIS A 96 -11.49 9.44 0.67
N THR A 97 -12.49 10.31 0.58
CA THR A 97 -12.60 11.22 -0.56
C THR A 97 -11.36 12.11 -0.52
N ASP A 98 -10.99 12.53 0.68
CA ASP A 98 -9.83 13.40 0.87
C ASP A 98 -8.54 12.63 0.71
N THR A 99 -8.51 11.40 1.21
CA THR A 99 -7.32 10.56 1.10
C THR A 99 -6.96 10.37 -0.38
N ILE A 100 -7.97 10.10 -1.18
CA ILE A 100 -7.79 9.88 -2.62
C ILE A 100 -7.46 11.19 -3.33
N ALA A 101 -8.27 12.22 -3.09
CA ALA A 101 -8.04 13.52 -3.72
C ALA A 101 -6.64 14.05 -3.43
N ASP A 102 -6.19 13.91 -2.18
CA ASP A 102 -4.86 14.38 -1.80
C ASP A 102 -3.77 13.68 -2.60
N LYS A 103 -3.90 12.36 -2.78
CA LYS A 103 -2.90 11.61 -3.55
C LYS A 103 -2.89 12.05 -5.01
N VAL A 104 -4.06 12.29 -5.57
CA VAL A 104 -4.15 12.74 -6.94
C VAL A 104 -3.45 14.10 -7.06
N ALA A 105 -3.70 14.99 -6.09
CA ALA A 105 -3.09 16.31 -6.07
C ALA A 105 -1.57 16.23 -5.97
N LEU A 106 -1.07 15.27 -5.22
CA LEU A 106 0.38 15.12 -5.06
C LEU A 106 1.00 14.26 -6.16
N GLY A 107 0.21 13.86 -7.13
CA GLY A 107 0.75 13.05 -8.22
C GLY A 107 0.64 11.56 -7.97
N MET A 108 -0.46 10.99 -8.45
CA MET A 108 -0.71 9.57 -8.36
C MET A 108 -1.86 9.32 -9.31
N ASN A 109 -1.69 8.33 -10.18
CA ASN A 109 -2.72 7.99 -11.15
C ASN A 109 -3.99 7.60 -10.40
N LEU A 110 -5.13 7.73 -11.06
CA LEU A 110 -6.41 7.44 -10.43
C LEU A 110 -6.58 6.05 -9.86
N ARG A 111 -6.17 5.03 -10.61
CA ARG A 111 -6.32 3.66 -10.15
C ARG A 111 -5.61 3.41 -8.83
N ASP A 112 -4.35 3.83 -8.74
CA ASP A 112 -3.57 3.63 -7.52
C ASP A 112 -4.04 4.49 -6.36
N ALA A 113 -4.49 5.69 -6.68
CA ALA A 113 -4.98 6.61 -5.63
C ALA A 113 -6.16 5.96 -4.94
N ILE A 114 -7.09 5.42 -5.74
CA ILE A 114 -8.25 4.76 -5.18
C ILE A 114 -7.85 3.44 -4.53
N GLY A 115 -7.04 2.66 -5.25
CA GLY A 115 -6.62 1.38 -4.70
C GLY A 115 -5.91 1.46 -3.36
N LEU A 116 -4.93 2.34 -3.26
CA LEU A 116 -4.17 2.48 -2.02
C LEU A 116 -5.04 2.97 -0.87
N SER A 117 -5.88 3.96 -1.15
CA SER A 117 -6.74 4.52 -0.12
C SER A 117 -7.73 3.51 0.42
N LEU A 118 -8.33 2.72 -0.47
CA LEU A 118 -9.32 1.74 -0.04
C LEU A 118 -8.67 0.57 0.68
N LEU A 119 -7.50 0.15 0.20
CA LEU A 119 -6.77 -0.95 0.81
C LEU A 119 -6.43 -0.59 2.26
N ALA A 120 -5.97 0.64 2.45
CA ALA A 120 -5.58 1.12 3.78
C ALA A 120 -6.74 1.36 4.72
N MET A 121 -7.73 2.12 4.26
CA MET A 121 -8.88 2.45 5.11
C MET A 121 -9.86 1.30 5.31
N ASP A 122 -10.02 0.47 4.29
CA ASP A 122 -10.87 -0.71 4.43
C ASP A 122 -12.37 -0.44 4.64
N TYR A 123 -13.17 -1.50 4.80
CA TYR A 123 -14.60 -1.31 5.01
C TYR A 123 -14.82 -0.68 6.39
N GLU A 124 -16.00 -0.08 6.57
CA GLU A 124 -16.33 0.59 7.84
C GLU A 124 -16.69 -0.42 8.91
N LYS A 125 -16.24 -0.17 10.13
CA LYS A 125 -16.48 -1.09 11.23
C LYS A 125 -17.78 -0.82 11.99
N ASP A 126 -18.91 -1.00 11.32
CA ASP A 126 -20.21 -0.81 11.94
C ASP A 126 -20.93 -2.17 11.96
N GLU A 127 -22.22 -2.16 12.24
CA GLU A 127 -22.98 -3.40 12.32
C GLU A 127 -23.10 -4.14 10.99
N LEU A 128 -22.87 -3.44 9.88
CA LEU A 128 -23.02 -4.08 8.58
C LEU A 128 -21.74 -4.19 7.76
N ASN A 129 -20.59 -3.89 8.36
CA ASN A 129 -19.32 -3.91 7.63
C ASN A 129 -19.50 -3.09 6.35
N THR A 130 -20.21 -1.97 6.48
CA THR A 130 -20.48 -1.08 5.35
C THR A 130 -19.24 -0.78 4.51
N PRO A 131 -19.30 -1.10 3.21
CA PRO A 131 -18.18 -0.87 2.28
C PRO A 131 -17.84 0.59 2.09
N ARG A 132 -16.63 0.84 1.62
CA ARG A 132 -16.23 2.19 1.26
C ARG A 132 -16.23 2.14 -0.27
N ILE A 133 -16.91 3.09 -0.91
CA ILE A 133 -16.95 3.15 -2.37
C ILE A 133 -16.34 4.48 -2.80
N ALA A 134 -15.87 4.54 -4.04
CA ALA A 134 -15.27 5.76 -4.55
C ALA A 134 -15.13 5.71 -6.06
N ALA A 135 -14.90 6.86 -6.66
CA ALA A 135 -14.67 7.01 -8.08
C ALA A 135 -13.92 8.30 -8.29
N ALA A 136 -13.23 8.40 -9.41
CA ALA A 136 -12.46 9.58 -9.75
C ALA A 136 -12.44 9.66 -11.26
N ILE A 137 -12.50 10.88 -11.79
CA ILE A 137 -12.51 11.03 -13.24
C ILE A 137 -11.84 12.33 -13.65
N ASN A 138 -11.01 12.25 -14.69
CA ASN A 138 -10.34 13.43 -15.21
C ASN A 138 -10.66 13.53 -16.69
N GLY A 139 -9.92 14.35 -17.42
CA GLY A 139 -10.19 14.53 -18.85
C GLY A 139 -10.01 13.31 -19.74
N SER A 140 -9.17 12.36 -19.34
CA SER A 140 -8.95 11.20 -20.19
C SER A 140 -9.41 9.84 -19.68
N GLU A 141 -9.57 9.69 -18.36
CA GLU A 141 -10.02 8.40 -17.84
C GLU A 141 -10.75 8.49 -16.52
N ALA A 142 -11.36 7.38 -16.13
CA ALA A 142 -12.11 7.31 -14.89
C ALA A 142 -12.01 5.91 -14.31
N PHE A 143 -12.05 5.83 -12.98
CA PHE A 143 -12.00 4.56 -12.27
C PHE A 143 -13.02 4.56 -11.15
N ILE A 144 -13.49 3.37 -10.79
CA ILE A 144 -14.47 3.22 -9.74
C ILE A 144 -13.99 2.10 -8.84
N GLY A 145 -14.23 2.23 -7.53
CA GLY A 145 -13.78 1.19 -6.62
C GLY A 145 -14.63 0.94 -5.39
N ILE A 146 -14.40 -0.22 -4.80
CA ILE A 146 -15.12 -0.61 -3.59
C ILE A 146 -14.28 -1.59 -2.79
N VAL A 147 -14.39 -1.52 -1.46
CA VAL A 147 -13.70 -2.46 -0.60
C VAL A 147 -14.75 -2.91 0.40
N THR A 148 -14.88 -4.23 0.54
CA THR A 148 -15.84 -4.85 1.44
C THR A 148 -15.12 -5.87 2.32
N ALA A 149 -15.90 -6.59 3.13
CA ALA A 149 -15.32 -7.61 4.01
C ALA A 149 -14.89 -8.82 3.16
N ASP A 150 -15.32 -8.85 1.90
CA ASP A 150 -14.97 -9.96 1.01
C ASP A 150 -13.93 -9.62 -0.05
N GLY A 151 -13.50 -8.38 -0.10
CA GLY A 151 -12.49 -8.03 -1.09
C GLY A 151 -12.28 -6.57 -1.41
N LEU A 152 -11.52 -6.36 -2.47
CA LEU A 152 -11.15 -5.04 -2.96
C LEU A 152 -11.25 -5.05 -4.48
N MET A 153 -11.87 -4.01 -5.05
CA MET A 153 -12.00 -3.93 -6.49
C MET A 153 -11.91 -2.49 -6.99
N VAL A 154 -11.03 -2.26 -7.96
CA VAL A 154 -10.88 -0.95 -8.57
C VAL A 154 -10.86 -1.24 -10.07
N SER A 155 -11.77 -0.63 -10.81
CA SER A 155 -11.80 -0.90 -12.25
C SER A 155 -12.04 0.32 -13.12
N ARG A 156 -11.50 0.26 -14.33
CA ARG A 156 -11.65 1.36 -15.27
C ARG A 156 -13.13 1.49 -15.63
N VAL A 157 -13.63 2.72 -15.66
CA VAL A 157 -15.01 2.97 -16.01
C VAL A 157 -15.12 2.90 -17.54
N PRO A 158 -16.07 2.10 -18.05
CA PRO A 158 -16.28 1.95 -19.49
C PRO A 158 -16.42 3.30 -20.16
N GLU A 159 -15.65 3.52 -21.21
CA GLU A 159 -15.72 4.79 -21.93
C GLU A 159 -17.09 4.97 -22.59
N GLU A 160 -17.71 3.85 -22.95
CA GLU A 160 -19.01 3.88 -23.60
C GLU A 160 -20.23 4.08 -22.71
N THR A 161 -20.07 4.00 -21.39
CA THR A 161 -21.23 4.18 -20.52
C THR A 161 -20.96 4.54 -19.07
N PRO A 162 -21.79 5.42 -18.50
CA PRO A 162 -21.63 5.81 -17.10
C PRO A 162 -22.03 4.61 -16.24
N VAL A 163 -21.54 4.56 -15.01
CA VAL A 163 -21.86 3.47 -14.12
C VAL A 163 -22.11 4.01 -12.73
N TYR A 164 -22.69 3.16 -11.88
CA TYR A 164 -22.96 3.55 -10.52
C TYR A 164 -22.70 2.35 -9.63
N ILE A 165 -22.56 2.61 -8.33
CA ILE A 165 -22.31 1.56 -7.37
C ILE A 165 -22.84 2.06 -6.04
N SER A 166 -23.19 1.15 -5.14
CA SER A 166 -23.72 1.54 -3.84
C SER A 166 -23.11 0.72 -2.73
N THR A 167 -23.36 1.10 -1.50
CA THR A 167 -22.79 0.37 -0.37
C THR A 167 -23.56 -0.92 -0.04
N TYR A 168 -24.85 -0.98 -0.39
CA TYR A 168 -25.67 -2.18 -0.14
C TYR A 168 -26.33 -2.64 -1.43
N GLU A 169 -26.42 -3.96 -1.60
CA GLU A 169 -27.03 -4.59 -2.76
C GLU A 169 -26.22 -4.46 -4.06
N GLN A 170 -26.12 -3.25 -4.61
CA GLN A 170 -25.38 -3.05 -5.86
C GLN A 170 -23.92 -2.75 -5.57
N THR A 171 -23.26 -3.70 -4.94
CA THR A 171 -21.84 -3.57 -4.56
C THR A 171 -20.91 -3.91 -5.72
N GLU A 172 -21.40 -3.69 -6.93
CA GLU A 172 -20.65 -3.97 -8.14
C GLU A 172 -21.06 -2.91 -9.15
N PRO A 173 -20.12 -2.41 -9.97
CA PRO A 173 -20.49 -1.39 -10.94
C PRO A 173 -21.62 -1.84 -11.85
N ALA A 174 -22.55 -0.94 -12.14
CA ALA A 174 -23.68 -1.24 -13.01
C ALA A 174 -23.88 -0.10 -14.00
N ALA A 175 -24.13 -0.45 -15.26
CA ALA A 175 -24.33 0.54 -16.31
C ALA A 175 -25.59 1.36 -16.05
N THR A 176 -25.54 2.64 -16.42
CA THR A 176 -26.68 3.53 -16.24
C THR A 176 -26.70 4.61 -17.31
N GLU A 177 -27.86 4.84 -17.90
CA GLU A 177 -28.01 5.88 -18.91
C GLU A 177 -28.25 7.15 -18.09
N PHE A 178 -27.16 7.77 -17.68
CA PHE A 178 -27.23 8.97 -16.85
C PHE A 178 -27.37 10.21 -17.73
N LYS A 179 -28.57 10.79 -17.72
CA LYS A 179 -28.80 11.99 -18.50
C LYS A 179 -28.64 13.22 -17.61
N ALA A 180 -27.87 14.19 -18.10
CA ALA A 180 -27.63 15.42 -17.35
C ALA A 180 -26.70 16.35 -18.14
N GLY A 181 -26.96 17.64 -18.06
CA GLY A 181 -26.14 18.60 -18.78
C GLY A 181 -25.57 19.65 -17.84
N SER A 182 -25.76 19.45 -16.53
CA SER A 182 -25.28 20.38 -15.52
C SER A 182 -25.20 19.65 -14.17
N PRO A 183 -24.50 20.23 -13.19
CA PRO A 183 -24.41 19.55 -11.89
C PRO A 183 -25.77 19.48 -11.20
N GLU A 184 -26.61 20.48 -11.45
CA GLU A 184 -27.94 20.51 -10.87
C GLU A 184 -28.76 19.32 -11.36
N GLU A 185 -28.73 19.09 -12.67
CA GLU A 185 -29.46 17.98 -13.27
C GLU A 185 -28.91 16.62 -12.84
N ALA A 186 -27.58 16.52 -12.72
CA ALA A 186 -26.95 15.28 -12.31
C ALA A 186 -27.35 14.91 -10.89
N ALA A 187 -27.34 15.91 -9.99
CA ALA A 187 -27.72 15.67 -8.61
C ALA A 187 -29.18 15.23 -8.51
N GLU A 188 -30.03 15.87 -9.29
CA GLU A 188 -31.47 15.55 -9.29
C GLU A 188 -31.72 14.15 -9.80
N PHE A 189 -31.04 13.78 -10.89
CA PHE A 189 -31.21 12.47 -11.47
C PHE A 189 -30.86 11.33 -10.52
N ILE A 190 -29.70 11.41 -9.87
CA ILE A 190 -29.32 10.34 -8.95
C ILE A 190 -30.24 10.32 -7.74
N LEU A 191 -30.90 11.44 -7.48
CA LEU A 191 -31.81 11.54 -6.35
C LEU A 191 -33.20 10.97 -6.67
N LYS A 192 -33.78 11.40 -7.81
CA LYS A 192 -35.14 10.97 -8.17
C LYS A 192 -35.32 10.51 -9.60
N GLY A 193 -34.28 10.58 -10.41
CA GLY A 193 -34.42 10.21 -11.81
C GLY A 193 -34.17 8.77 -12.18
N GLY A 194 -34.59 8.43 -13.40
CA GLY A 194 -34.42 7.09 -13.93
C GLY A 194 -34.62 5.94 -12.97
N GLU A 195 -33.67 5.01 -13.00
CA GLU A 195 -33.72 3.83 -12.15
C GLU A 195 -33.48 4.15 -10.69
N PHE A 196 -32.95 5.34 -10.42
CA PHE A 196 -32.67 5.72 -9.04
C PHE A 196 -33.95 6.02 -8.28
N ALA A 197 -35.03 6.28 -9.02
CA ALA A 197 -36.31 6.58 -8.39
C ALA A 197 -36.77 5.41 -7.52
N ALA A 198 -36.37 4.21 -7.91
CA ALA A 198 -36.77 2.99 -7.19
C ALA A 198 -35.96 2.69 -5.93
N PHE A 199 -34.80 3.31 -5.78
CA PHE A 199 -33.98 3.06 -4.59
C PHE A 199 -34.51 3.93 -3.45
N THR A 200 -34.88 3.27 -2.37
CA THR A 200 -35.51 3.89 -1.21
C THR A 200 -34.71 4.70 -0.19
N HIS A 201 -35.46 5.46 0.61
CA HIS A 201 -34.91 6.29 1.67
C HIS A 201 -33.96 7.42 1.23
N PRO A 202 -34.28 8.11 0.13
CA PRO A 202 -33.41 9.21 -0.34
C PRO A 202 -33.39 10.35 0.68
N VAL A 203 -32.24 10.98 0.84
CA VAL A 203 -32.12 12.08 1.78
C VAL A 203 -31.60 13.34 1.09
N THR A 204 -30.40 13.27 0.53
CA THR A 204 -29.80 14.41 -0.15
C THR A 204 -28.82 13.93 -1.23
N ALA A 205 -28.54 14.80 -2.20
CA ALA A 205 -27.64 14.45 -3.28
C ALA A 205 -26.77 15.63 -3.71
N ALA A 206 -25.68 15.32 -4.40
CA ALA A 206 -24.75 16.33 -4.88
C ALA A 206 -24.09 15.81 -6.15
N ALA A 207 -23.48 16.70 -6.92
CA ALA A 207 -22.82 16.30 -8.15
C ALA A 207 -21.84 17.35 -8.64
N ALA A 208 -20.91 16.91 -9.48
CA ALA A 208 -19.91 17.79 -10.07
C ALA A 208 -20.03 17.50 -11.56
N PHE A 209 -20.06 18.55 -12.37
CA PHE A 209 -20.19 18.37 -13.81
C PHE A 209 -19.18 19.22 -14.56
N ASN A 210 -18.63 18.67 -15.64
CA ASN A 210 -17.66 19.40 -16.42
C ASN A 210 -18.06 19.32 -17.90
N ASP A 211 -18.56 20.43 -18.43
CA ASP A 211 -18.97 20.48 -19.83
C ASP A 211 -17.79 20.85 -20.72
N GLY A 212 -16.61 20.90 -20.13
CA GLY A 212 -15.42 21.24 -20.90
C GLY A 212 -14.76 22.53 -20.42
N GLU A 213 -15.49 23.33 -19.66
CA GLU A 213 -14.93 24.59 -19.17
C GLU A 213 -14.62 24.58 -17.67
N GLY A 214 -14.60 23.39 -17.08
CA GLY A 214 -14.29 23.29 -15.66
C GLY A 214 -15.36 22.60 -14.83
N TRP A 215 -14.97 22.14 -13.65
CA TRP A 215 -15.90 21.46 -12.76
C TRP A 215 -16.81 22.43 -11.98
N ASN A 216 -18.12 22.20 -12.06
CA ASN A 216 -19.10 22.99 -11.32
C ASN A 216 -19.84 22.05 -10.39
N LEU A 217 -20.20 22.54 -9.20
CA LEU A 217 -20.87 21.75 -8.18
C LEU A 217 -22.32 22.16 -7.94
N ALA A 218 -23.11 21.22 -7.42
CA ALA A 218 -24.52 21.47 -7.09
C ALA A 218 -25.04 20.42 -6.12
N THR A 219 -26.11 20.76 -5.41
CA THR A 219 -26.73 19.82 -4.47
C THR A 219 -28.24 19.87 -4.72
N ARG A 220 -28.94 18.81 -4.33
CA ARG A 220 -30.38 18.74 -4.47
C ARG A 220 -30.96 18.03 -3.25
N GLU A 221 -32.14 18.49 -2.82
CA GLU A 221 -32.83 17.93 -1.66
C GLU A 221 -34.15 17.36 -2.15
N MET A 222 -34.77 16.52 -1.32
CA MET A 222 -36.05 15.93 -1.67
C MET A 222 -37.11 17.03 -1.74
N MET B 21 -9.50 -19.75 -26.38
CA MET B 21 -8.82 -21.05 -26.20
C MET B 21 -7.45 -20.95 -25.52
N TYR B 22 -6.67 -19.92 -25.88
CA TYR B 22 -5.36 -19.74 -25.24
C TYR B 22 -5.56 -18.82 -24.05
N LEU B 23 -5.39 -19.38 -22.86
CA LEU B 23 -5.57 -18.63 -21.62
C LEU B 23 -4.26 -18.16 -20.98
N GLY B 24 -3.13 -18.60 -21.53
CA GLY B 24 -1.85 -18.21 -20.96
C GLY B 24 -1.61 -18.96 -19.66
N ARG B 25 -1.19 -18.26 -18.62
CA ARG B 25 -0.94 -18.93 -17.34
C ARG B 25 -2.23 -19.03 -16.55
N ILE B 26 -2.45 -20.20 -15.95
CA ILE B 26 -3.68 -20.47 -15.22
C ILE B 26 -3.45 -20.96 -13.79
N LEU B 27 -4.32 -20.55 -12.87
CA LEU B 27 -4.22 -21.03 -11.50
C LEU B 27 -5.62 -21.37 -11.01
N ALA B 28 -5.70 -22.36 -10.12
CA ALA B 28 -6.98 -22.77 -9.55
C ALA B 28 -6.77 -22.88 -8.05
N VAL B 29 -7.83 -22.65 -7.29
CA VAL B 29 -7.75 -22.70 -5.84
C VAL B 29 -9.09 -23.05 -5.25
N GLY B 30 -9.08 -23.76 -4.13
CA GLY B 30 -10.34 -24.12 -3.49
C GLY B 30 -10.28 -25.38 -2.66
N ARG B 31 -11.45 -25.93 -2.38
CA ARG B 31 -11.54 -27.15 -1.60
C ARG B 31 -12.57 -28.08 -2.22
N ASN B 32 -12.37 -29.37 -2.05
CA ASN B 32 -13.30 -30.38 -2.53
C ASN B 32 -13.44 -31.36 -1.39
N SER B 33 -14.18 -32.45 -1.59
CA SER B 33 -14.37 -33.44 -0.53
C SER B 33 -13.08 -34.06 -0.02
N ASN B 34 -12.02 -34.01 -0.82
CA ASN B 34 -10.75 -34.61 -0.43
C ASN B 34 -9.80 -33.67 0.31
N GLY B 35 -10.00 -32.36 0.15
CA GLY B 35 -9.11 -31.43 0.83
C GLY B 35 -9.02 -30.09 0.13
N SER B 36 -8.02 -29.31 0.49
CA SER B 36 -7.84 -27.98 -0.09
C SER B 36 -6.63 -27.98 -1.02
N PHE B 37 -6.58 -27.04 -1.96
CA PHE B 37 -5.48 -27.03 -2.92
C PHE B 37 -5.32 -25.74 -3.71
N VAL B 38 -4.19 -25.67 -4.42
CA VAL B 38 -3.88 -24.60 -5.35
C VAL B 38 -3.24 -25.38 -6.48
N ALA B 39 -3.52 -24.98 -7.72
CA ALA B 39 -2.94 -25.67 -8.87
C ALA B 39 -2.48 -24.59 -9.85
N TYR B 40 -1.42 -24.88 -10.58
CA TYR B 40 -0.86 -23.92 -11.51
C TYR B 40 -0.46 -24.57 -12.82
N ARG B 41 -0.70 -23.88 -13.92
CA ARG B 41 -0.34 -24.43 -15.21
C ARG B 41 0.23 -23.37 -16.12
N VAL B 42 1.38 -23.70 -16.71
CA VAL B 42 2.00 -22.80 -17.64
C VAL B 42 1.56 -23.20 -19.05
N SER B 43 1.00 -22.24 -19.77
CA SER B 43 0.61 -22.42 -21.17
C SER B 43 1.49 -21.35 -21.77
N SER B 44 2.14 -21.63 -22.89
CA SER B 44 3.01 -20.64 -23.49
C SER B 44 3.26 -20.86 -24.97
N ARG B 45 3.35 -19.77 -25.73
CA ARG B 45 3.61 -19.85 -27.15
C ARG B 45 5.06 -19.48 -27.43
N SER B 46 5.50 -18.37 -26.88
CA SER B 46 6.87 -17.92 -27.11
C SER B 46 7.94 -18.47 -26.17
N PHE B 47 7.54 -19.07 -25.06
CA PHE B 47 8.50 -19.63 -24.11
C PHE B 47 8.05 -20.99 -23.61
N PRO B 48 7.97 -21.97 -24.52
CA PRO B 48 7.54 -23.34 -24.21
C PRO B 48 8.63 -24.22 -23.60
N ASN B 49 9.87 -23.78 -23.63
CA ASN B 49 10.98 -24.57 -23.11
C ASN B 49 11.19 -24.39 -21.61
N ARG B 50 10.15 -24.67 -20.84
CA ARG B 50 10.21 -24.53 -19.39
C ARG B 50 9.57 -25.73 -18.69
N THR B 51 9.96 -25.93 -17.43
CA THR B 51 9.44 -27.03 -16.62
C THR B 51 9.25 -26.52 -15.18
N THR B 52 8.68 -27.36 -14.33
CA THR B 52 8.48 -26.99 -12.92
C THR B 52 9.46 -27.78 -12.06
N SER B 53 9.94 -27.14 -11.00
CA SER B 53 10.91 -27.75 -10.10
C SER B 53 10.51 -27.59 -8.65
N ILE B 54 10.52 -28.70 -7.92
CA ILE B 54 10.17 -28.68 -6.52
C ILE B 54 11.40 -28.48 -5.63
N GLN B 55 11.29 -27.51 -4.73
CA GLN B 55 12.37 -27.21 -3.79
C GLN B 55 11.68 -27.08 -2.42
N GLU B 56 12.43 -26.72 -1.40
CA GLU B 56 11.85 -26.64 -0.06
C GLU B 56 10.66 -25.69 0.07
N GLU B 57 9.49 -26.26 0.31
CA GLU B 57 8.26 -25.49 0.49
C GLU B 57 7.90 -24.60 -0.71
N ARG B 58 8.36 -24.97 -1.90
CA ARG B 58 8.05 -24.16 -3.08
C ARG B 58 8.22 -24.92 -4.40
N VAL B 59 7.58 -24.38 -5.44
CA VAL B 59 7.68 -24.95 -6.78
C VAL B 59 8.06 -23.80 -7.69
N ALA B 60 9.13 -23.98 -8.46
CA ALA B 60 9.57 -22.93 -9.35
C ALA B 60 9.37 -23.27 -10.81
N VAL B 61 9.09 -22.25 -11.61
CA VAL B 61 8.96 -22.40 -13.05
C VAL B 61 10.33 -21.96 -13.55
N VAL B 62 11.05 -22.86 -14.22
CA VAL B 62 12.38 -22.59 -14.70
C VAL B 62 12.63 -23.13 -16.11
N PRO B 63 13.65 -22.60 -16.80
CA PRO B 63 13.95 -23.08 -18.16
C PRO B 63 14.47 -24.51 -18.09
N VAL B 64 14.25 -25.29 -19.15
CA VAL B 64 14.75 -26.66 -19.22
C VAL B 64 16.23 -26.56 -19.60
N GLU B 65 16.98 -27.63 -19.35
CA GLU B 65 18.41 -27.63 -19.66
C GLU B 65 18.66 -27.12 -21.08
N GLY B 66 19.65 -26.24 -21.22
CA GLY B 66 19.97 -25.70 -22.52
C GLY B 66 19.30 -24.39 -22.88
N HIS B 67 18.42 -23.89 -22.00
CA HIS B 67 17.71 -22.64 -22.25
C HIS B 67 17.81 -21.67 -21.08
N GLU B 68 18.76 -21.92 -20.19
CA GLU B 68 18.94 -21.08 -19.02
C GLU B 68 18.98 -19.59 -19.35
N ARG B 69 19.61 -19.23 -20.46
CA ARG B 69 19.73 -17.83 -20.85
C ARG B 69 18.44 -17.10 -21.19
N ASP B 70 17.34 -17.82 -21.28
CA ASP B 70 16.07 -17.19 -21.59
C ASP B 70 15.66 -16.21 -20.48
N VAL B 71 16.09 -16.48 -19.26
CA VAL B 71 15.72 -15.59 -18.15
C VAL B 71 16.28 -14.20 -18.34
N PHE B 72 17.33 -14.08 -19.16
CA PHE B 72 17.93 -12.78 -19.43
C PHE B 72 17.25 -12.10 -20.62
N ARG B 73 16.38 -12.83 -21.32
CA ARG B 73 15.68 -12.26 -22.48
C ARG B 73 14.31 -11.72 -22.05
N ASN B 74 13.71 -12.36 -21.05
CA ASN B 74 12.42 -11.96 -20.53
C ASN B 74 12.43 -12.21 -19.03
N PRO B 75 12.20 -11.18 -18.22
CA PRO B 75 12.19 -11.25 -16.75
C PRO B 75 10.93 -11.85 -16.13
N TYR B 76 9.99 -12.27 -16.95
CA TYR B 76 8.75 -12.82 -16.42
C TYR B 76 8.56 -14.32 -16.63
N ILE B 77 9.59 -15.02 -17.09
CA ILE B 77 9.42 -16.44 -17.36
C ILE B 77 9.89 -17.44 -16.34
N ALA B 78 10.71 -17.01 -15.39
CA ALA B 78 11.21 -17.88 -14.34
C ALA B 78 10.82 -17.25 -13.00
N TYR B 79 10.22 -18.04 -12.11
CA TYR B 79 9.77 -17.53 -10.81
C TYR B 79 9.17 -18.69 -10.01
N ASN B 80 8.95 -18.47 -8.72
CA ASN B 80 8.29 -19.49 -7.89
C ASN B 80 6.80 -19.31 -8.16
N CYS B 81 6.13 -20.38 -8.55
CA CYS B 81 4.70 -20.32 -8.83
C CYS B 81 3.89 -20.77 -7.62
N ILE B 82 4.55 -21.46 -6.70
CA ILE B 82 3.90 -21.94 -5.48
C ILE B 82 4.84 -21.81 -4.28
N ARG B 83 4.32 -21.31 -3.16
CA ARG B 83 5.08 -21.16 -1.92
C ARG B 83 4.19 -21.67 -0.79
N ILE B 84 4.77 -22.41 0.15
CA ILE B 84 4.00 -22.89 1.28
C ILE B 84 4.57 -22.22 2.53
N VAL B 85 3.72 -21.50 3.26
CA VAL B 85 4.14 -20.84 4.48
C VAL B 85 3.21 -21.32 5.58
N GLY B 86 3.72 -22.22 6.41
CA GLY B 86 2.92 -22.78 7.48
C GLY B 86 1.69 -23.47 6.94
N ASP B 87 0.52 -23.03 7.41
CA ASP B 87 -0.74 -23.61 6.97
C ASP B 87 -1.26 -22.95 5.67
N THR B 88 -0.49 -22.02 5.12
CA THR B 88 -0.96 -21.32 3.92
C THR B 88 -0.25 -21.70 2.63
N ALA B 89 -1.04 -21.84 1.57
CA ALA B 89 -0.48 -22.12 0.26
C ALA B 89 -0.73 -20.90 -0.62
N VAL B 90 0.33 -20.44 -1.29
CA VAL B 90 0.25 -19.28 -2.18
C VAL B 90 0.62 -19.70 -3.61
N VAL B 91 -0.16 -19.24 -4.58
CA VAL B 91 0.10 -19.56 -5.98
C VAL B 91 -0.02 -18.29 -6.83
N SER B 92 0.87 -18.14 -7.82
CA SER B 92 0.82 -16.99 -8.70
C SER B 92 1.66 -17.20 -9.97
N ASN B 93 1.49 -16.32 -10.94
CA ASN B 93 2.20 -16.41 -12.20
C ASN B 93 3.49 -15.59 -12.24
N GLY B 94 4.00 -15.20 -11.08
CA GLY B 94 5.21 -14.40 -11.08
C GLY B 94 5.94 -14.37 -9.75
N SER B 95 6.93 -13.49 -9.65
CA SER B 95 7.72 -13.34 -8.44
C SER B 95 6.88 -12.79 -7.28
N HIS B 96 5.67 -12.33 -7.57
CA HIS B 96 4.82 -11.81 -6.50
C HIS B 96 4.37 -12.96 -5.59
N THR B 97 4.68 -14.20 -5.97
CA THR B 97 4.35 -15.34 -5.13
C THR B 97 5.12 -15.18 -3.83
N ASP B 98 6.38 -14.76 -3.96
CA ASP B 98 7.24 -14.56 -2.80
C ASP B 98 6.85 -13.31 -2.02
N THR B 99 6.47 -12.26 -2.72
CA THR B 99 6.07 -11.02 -2.08
C THR B 99 4.87 -11.28 -1.18
N ILE B 100 3.90 -12.03 -1.70
CA ILE B 100 2.69 -12.37 -0.96
C ILE B 100 2.97 -13.37 0.18
N ALA B 101 3.69 -14.44 -0.12
CA ALA B 101 4.01 -15.45 0.88
C ALA B 101 4.80 -14.84 2.03
N ASP B 102 5.73 -13.92 1.72
CA ASP B 102 6.53 -13.30 2.75
C ASP B 102 5.67 -12.49 3.72
N LYS B 103 4.70 -11.75 3.18
CA LYS B 103 3.81 -10.96 4.03
C LYS B 103 2.96 -11.89 4.90
N VAL B 104 2.48 -12.98 4.33
CA VAL B 104 1.68 -13.92 5.11
C VAL B 104 2.53 -14.46 6.26
N ALA B 105 3.78 -14.80 5.94
CA ALA B 105 4.71 -15.32 6.95
C ALA B 105 4.97 -14.31 8.07
N LEU B 106 5.05 -13.03 7.71
CA LEU B 106 5.31 -11.99 8.70
C LEU B 106 4.04 -11.49 9.38
N GLY B 107 2.91 -12.09 9.05
CA GLY B 107 1.66 -11.66 9.66
C GLY B 107 0.90 -10.62 8.85
N MET B 108 0.01 -11.10 8.00
CA MET B 108 -0.84 -10.25 7.18
C MET B 108 -1.92 -11.17 6.65
N ASN B 109 -3.17 -10.75 6.80
CA ASN B 109 -4.30 -11.55 6.32
C ASN B 109 -4.15 -11.73 4.81
N LEU B 110 -4.76 -12.78 4.28
CA LEU B 110 -4.65 -13.11 2.87
C LEU B 110 -5.09 -12.04 1.89
N ARG B 111 -6.22 -11.40 2.19
CA ARG B 111 -6.75 -10.38 1.31
C ARG B 111 -5.77 -9.23 1.11
N ASP B 112 -5.24 -8.71 2.22
CA ASP B 112 -4.30 -7.60 2.16
C ASP B 112 -2.95 -7.99 1.58
N ALA B 113 -2.52 -9.23 1.86
CA ALA B 113 -1.22 -9.68 1.35
C ALA B 113 -1.27 -9.70 -0.18
N ILE B 114 -2.37 -10.22 -0.73
CA ILE B 114 -2.52 -10.25 -2.18
C ILE B 114 -2.76 -8.84 -2.70
N GLY B 115 -3.66 -8.13 -2.05
CA GLY B 115 -3.97 -6.77 -2.47
C GLY B 115 -2.78 -5.82 -2.52
N LEU B 116 -1.97 -5.82 -1.46
CA LEU B 116 -0.81 -4.94 -1.41
C LEU B 116 0.24 -5.31 -2.44
N SER B 117 0.51 -6.61 -2.56
CA SER B 117 1.50 -7.08 -3.50
C SER B 117 1.13 -6.77 -4.95
N LEU B 118 -0.13 -6.98 -5.31
CA LEU B 118 -0.56 -6.73 -6.69
C LEU B 118 -0.62 -5.25 -7.00
N LEU B 119 -1.05 -4.45 -6.02
CA LEU B 119 -1.13 -3.00 -6.19
C LEU B 119 0.27 -2.45 -6.47
N ALA B 120 1.24 -2.90 -5.68
CA ALA B 120 2.63 -2.45 -5.84
C ALA B 120 3.32 -2.94 -7.11
N MET B 121 3.29 -4.25 -7.34
CA MET B 121 3.95 -4.81 -8.50
C MET B 121 3.25 -4.53 -9.82
N ASP B 122 1.92 -4.50 -9.81
CA ASP B 122 1.17 -4.15 -11.03
C ASP B 122 1.27 -5.15 -12.19
N TYR B 123 0.62 -4.84 -13.31
CA TYR B 123 0.69 -5.75 -14.45
C TYR B 123 2.10 -5.78 -15.03
N GLU B 124 2.43 -6.83 -15.77
CA GLU B 124 3.76 -6.96 -16.35
C GLU B 124 3.90 -6.03 -17.56
N LYS B 125 5.08 -5.44 -17.70
CA LYS B 125 5.34 -4.51 -18.79
C LYS B 125 5.88 -5.15 -20.05
N ASP B 126 5.06 -6.00 -20.68
CA ASP B 126 5.45 -6.65 -21.91
C ASP B 126 4.54 -6.16 -23.04
N GLU B 127 4.54 -6.83 -24.18
CA GLU B 127 3.72 -6.41 -25.31
C GLU B 127 2.22 -6.53 -25.07
N LEU B 128 1.82 -7.33 -24.09
CA LEU B 128 0.40 -7.52 -23.84
C LEU B 128 -0.10 -6.99 -22.48
N ASN B 129 0.75 -6.28 -21.75
CA ASN B 129 0.37 -5.79 -20.42
C ASN B 129 -0.14 -6.99 -19.61
N THR B 130 0.53 -8.12 -19.77
CA THR B 130 0.15 -9.35 -19.09
C THR B 130 -0.13 -9.15 -17.60
N PRO B 131 -1.33 -9.52 -17.16
CA PRO B 131 -1.74 -9.38 -15.77
C PRO B 131 -0.93 -10.25 -14.80
N ARG B 132 -0.98 -9.88 -13.53
CA ARG B 132 -0.36 -10.69 -12.50
C ARG B 132 -1.57 -11.29 -11.79
N ILE B 133 -1.57 -12.62 -11.63
CA ILE B 133 -2.65 -13.30 -10.95
C ILE B 133 -2.11 -14.00 -9.73
N ALA B 134 -2.97 -14.25 -8.75
CA ALA B 134 -2.53 -14.93 -7.53
C ALA B 134 -3.70 -15.44 -6.72
N ALA B 135 -3.39 -16.35 -5.79
CA ALA B 135 -4.37 -16.89 -4.88
C ALA B 135 -3.62 -17.38 -3.65
N ALA B 136 -4.34 -17.49 -2.54
CA ALA B 136 -3.74 -17.97 -1.29
C ALA B 136 -4.87 -18.65 -0.53
N ILE B 137 -4.53 -19.72 0.17
CA ILE B 137 -5.54 -20.45 0.91
C ILE B 137 -4.96 -21.07 2.17
N ASN B 138 -5.70 -20.97 3.28
CA ASN B 138 -5.27 -21.57 4.53
C ASN B 138 -6.42 -22.44 5.03
N GLY B 139 -6.35 -22.86 6.29
CA GLY B 139 -7.38 -23.73 6.83
C GLY B 139 -8.79 -23.16 6.92
N SER B 140 -8.93 -21.83 7.00
CA SER B 140 -10.26 -21.26 7.11
C SER B 140 -10.77 -20.42 5.94
N GLU B 141 -9.87 -19.86 5.13
CA GLU B 141 -10.33 -19.06 4.01
C GLU B 141 -9.37 -18.99 2.83
N ALA B 142 -9.86 -18.45 1.73
CA ALA B 142 -9.06 -18.34 0.52
C ALA B 142 -9.45 -17.09 -0.26
N PHE B 143 -8.47 -16.50 -0.93
CA PHE B 143 -8.69 -15.33 -1.76
C PHE B 143 -7.99 -15.48 -3.10
N ILE B 144 -8.52 -14.80 -4.11
CA ILE B 144 -7.96 -14.85 -5.45
C ILE B 144 -7.87 -13.44 -5.97
N GLY B 145 -6.81 -13.14 -6.72
CA GLY B 145 -6.66 -11.79 -7.23
C GLY B 145 -6.01 -11.63 -8.59
N ILE B 146 -6.22 -10.46 -9.17
CA ILE B 146 -5.65 -10.11 -10.46
C ILE B 146 -5.49 -8.60 -10.59
N VAL B 147 -4.44 -8.18 -11.28
CA VAL B 147 -4.24 -6.77 -11.53
C VAL B 147 -3.91 -6.66 -13.01
N THR B 148 -4.63 -5.79 -13.71
CA THR B 148 -4.45 -5.59 -15.13
C THR B 148 -4.28 -4.11 -15.42
N ALA B 149 -4.20 -3.76 -16.70
CA ALA B 149 -4.08 -2.36 -17.07
C ALA B 149 -5.41 -1.63 -16.83
N ASP B 150 -6.47 -2.39 -16.57
CA ASP B 150 -7.79 -1.79 -16.32
C ASP B 150 -8.23 -1.83 -14.87
N GLY B 151 -7.42 -2.43 -14.00
CA GLY B 151 -7.82 -2.45 -12.60
C GLY B 151 -7.15 -3.45 -11.68
N LEU B 152 -7.74 -3.58 -10.50
CA LEU B 152 -7.25 -4.46 -9.45
C LEU B 152 -8.45 -5.13 -8.78
N MET B 153 -8.36 -6.44 -8.62
CA MET B 153 -9.44 -7.19 -7.97
C MET B 153 -8.94 -8.32 -7.08
N VAL B 154 -9.41 -8.34 -5.84
CA VAL B 154 -9.05 -9.39 -4.90
C VAL B 154 -10.39 -9.78 -4.29
N SER B 155 -10.74 -11.05 -4.38
CA SER B 155 -12.02 -11.48 -3.84
C SER B 155 -11.96 -12.82 -3.11
N ARG B 156 -12.85 -12.98 -2.13
CA ARG B 156 -12.93 -14.20 -1.37
C ARG B 156 -13.37 -15.33 -2.29
N VAL B 157 -12.70 -16.47 -2.18
CA VAL B 157 -13.03 -17.64 -2.97
C VAL B 157 -14.27 -18.29 -2.36
N PRO B 158 -15.31 -18.54 -3.17
CA PRO B 158 -16.55 -19.15 -2.69
C PRO B 158 -16.25 -20.45 -1.95
N GLU B 159 -16.80 -20.57 -0.75
CA GLU B 159 -16.59 -21.77 0.07
C GLU B 159 -17.20 -22.99 -0.61
N GLU B 160 -18.26 -22.77 -1.38
CA GLU B 160 -18.96 -23.85 -2.07
C GLU B 160 -18.34 -24.37 -3.36
N THR B 161 -17.34 -23.67 -3.90
CA THR B 161 -16.73 -24.15 -5.14
C THR B 161 -15.35 -23.60 -5.48
N PRO B 162 -14.49 -24.46 -6.03
CA PRO B 162 -13.14 -24.06 -6.41
C PRO B 162 -13.29 -23.14 -7.63
N VAL B 163 -12.30 -22.28 -7.85
CA VAL B 163 -12.33 -21.38 -8.98
C VAL B 163 -10.97 -21.32 -9.65
N TYR B 164 -10.92 -20.76 -10.84
CA TYR B 164 -9.67 -20.61 -11.55
C TYR B 164 -9.67 -19.26 -12.25
N ILE B 165 -8.49 -18.81 -12.64
CA ILE B 165 -8.36 -17.54 -13.33
C ILE B 165 -7.10 -17.65 -14.19
N SER B 166 -7.02 -16.88 -15.28
CA SER B 166 -5.87 -16.93 -16.16
C SER B 166 -5.42 -15.51 -16.53
N THR B 167 -4.27 -15.41 -17.17
CA THR B 167 -3.76 -14.12 -17.57
C THR B 167 -4.43 -13.59 -18.84
N TYR B 168 -4.90 -14.48 -19.71
CA TYR B 168 -5.57 -14.07 -20.94
C TYR B 168 -6.97 -14.69 -21.04
N GLU B 169 -7.91 -13.91 -21.55
CA GLU B 169 -9.31 -14.33 -21.73
C GLU B 169 -10.10 -14.46 -20.42
N GLN B 170 -9.80 -15.48 -19.61
CA GLN B 170 -10.50 -15.68 -18.35
C GLN B 170 -9.88 -14.87 -17.22
N THR B 171 -9.85 -13.55 -17.41
CA THR B 171 -9.27 -12.64 -16.44
C THR B 171 -10.22 -12.31 -15.29
N GLU B 172 -11.10 -13.26 -14.99
CA GLU B 172 -12.10 -13.11 -13.95
C GLU B 172 -12.28 -14.51 -13.35
N PRO B 173 -12.45 -14.61 -12.02
CA PRO B 173 -12.62 -15.94 -11.42
C PRO B 173 -13.79 -16.69 -12.04
N ALA B 174 -13.60 -17.98 -12.27
CA ALA B 174 -14.65 -18.83 -12.85
C ALA B 174 -14.73 -20.14 -12.06
N ALA B 175 -15.96 -20.58 -11.81
CA ALA B 175 -16.19 -21.81 -11.06
C ALA B 175 -15.68 -23.03 -11.83
N THR B 176 -15.18 -24.01 -11.09
CA THR B 176 -14.68 -25.22 -11.71
C THR B 176 -14.85 -26.40 -10.77
N GLU B 177 -15.34 -27.51 -11.31
CA GLU B 177 -15.50 -28.72 -10.51
C GLU B 177 -14.13 -29.39 -10.57
N PHE B 178 -13.26 -28.96 -9.68
CA PHE B 178 -11.90 -29.49 -9.64
C PHE B 178 -11.82 -30.78 -8.83
N LYS B 179 -11.66 -31.90 -9.53
CA LYS B 179 -11.56 -33.18 -8.85
C LYS B 179 -10.09 -33.53 -8.66
N ALA B 180 -9.74 -33.93 -7.44
CA ALA B 180 -8.37 -34.30 -7.10
C ALA B 180 -8.28 -34.70 -5.63
N GLY B 181 -7.46 -35.71 -5.34
CA GLY B 181 -7.27 -36.16 -3.97
C GLY B 181 -5.82 -36.12 -3.55
N SER B 182 -4.97 -35.55 -4.41
CA SER B 182 -3.55 -35.45 -4.14
C SER B 182 -2.94 -34.35 -5.01
N PRO B 183 -1.72 -33.90 -4.70
CA PRO B 183 -1.13 -32.85 -5.52
C PRO B 183 -0.86 -33.36 -6.94
N GLU B 184 -0.56 -34.65 -7.06
CA GLU B 184 -0.29 -35.23 -8.36
C GLU B 184 -1.53 -35.12 -9.25
N GLU B 185 -2.68 -35.49 -8.70
CA GLU B 185 -3.94 -35.44 -9.44
C GLU B 185 -4.34 -34.01 -9.75
N ALA B 186 -4.12 -33.11 -8.80
CA ALA B 186 -4.45 -31.69 -9.02
C ALA B 186 -3.63 -31.11 -10.17
N ALA B 187 -2.34 -31.39 -10.19
CA ALA B 187 -1.48 -30.88 -11.25
C ALA B 187 -1.92 -31.43 -12.62
N GLU B 188 -2.23 -32.73 -12.66
CA GLU B 188 -2.66 -33.38 -13.90
C GLU B 188 -3.97 -32.79 -14.41
N PHE B 189 -4.91 -32.57 -13.49
CA PHE B 189 -6.21 -32.03 -13.87
C PHE B 189 -6.13 -30.65 -14.52
N ILE B 190 -5.36 -29.73 -13.92
CA ILE B 190 -5.26 -28.39 -14.50
C ILE B 190 -4.47 -28.43 -15.80
N LEU B 191 -3.70 -29.49 -15.98
CA LEU B 191 -2.90 -29.65 -17.18
C LEU B 191 -3.71 -30.25 -18.34
N LYS B 192 -4.41 -31.36 -18.09
CA LYS B 192 -5.16 -32.04 -19.14
C LYS B 192 -6.60 -32.44 -18.79
N GLY B 193 -7.01 -32.19 -17.55
CA GLY B 193 -8.35 -32.60 -17.14
C GLY B 193 -9.50 -31.63 -17.36
N GLY B 194 -10.70 -32.17 -17.26
CA GLY B 194 -11.92 -31.38 -17.40
C GLY B 194 -11.91 -30.33 -18.48
N GLU B 195 -12.36 -29.13 -18.12
CA GLU B 195 -12.43 -28.01 -19.03
C GLU B 195 -11.07 -27.46 -19.42
N PHE B 196 -10.04 -27.82 -18.64
CA PHE B 196 -8.69 -27.35 -18.93
C PHE B 196 -8.11 -28.03 -20.17
N ALA B 197 -8.70 -29.16 -20.54
CA ALA B 197 -8.22 -29.89 -21.72
C ALA B 197 -8.37 -29.02 -22.98
N ALA B 198 -9.33 -28.10 -22.97
CA ALA B 198 -9.58 -27.23 -24.11
C ALA B 198 -8.67 -26.01 -24.21
N PHE B 199 -7.97 -25.66 -23.13
CA PHE B 199 -7.09 -24.50 -23.15
C PHE B 199 -5.77 -24.94 -23.76
N THR B 200 -5.40 -24.27 -24.84
CA THR B 200 -4.21 -24.59 -25.63
C THR B 200 -2.81 -24.24 -25.17
N HIS B 201 -1.83 -24.86 -25.82
CA HIS B 201 -0.41 -24.66 -25.57
C HIS B 201 0.09 -25.03 -24.16
N PRO B 202 -0.38 -26.15 -23.60
CA PRO B 202 0.07 -26.56 -22.27
C PRO B 202 1.55 -26.89 -22.28
N VAL B 203 2.26 -26.52 -21.21
CA VAL B 203 3.68 -26.81 -21.11
C VAL B 203 4.00 -27.64 -19.85
N THR B 204 3.68 -27.09 -18.69
CA THR B 204 3.96 -27.78 -17.44
C THR B 204 2.99 -27.30 -16.36
N ALA B 205 2.79 -28.13 -15.33
CA ALA B 205 1.89 -27.80 -14.25
C ALA B 205 2.43 -28.24 -12.88
N ALA B 206 1.87 -27.65 -11.83
CA ALA B 206 2.27 -27.97 -10.46
C ALA B 206 1.07 -27.76 -9.55
N ALA B 207 1.12 -28.32 -8.34
CA ALA B 207 0.02 -28.15 -7.41
C ALA B 207 0.46 -28.44 -5.99
N ALA B 208 -0.32 -27.94 -5.03
CA ALA B 208 -0.09 -28.18 -3.62
C ALA B 208 -1.44 -28.68 -3.11
N PHE B 209 -1.43 -29.75 -2.32
CA PHE B 209 -2.67 -30.32 -1.81
C PHE B 209 -2.58 -30.58 -0.31
N ASN B 210 -3.66 -30.31 0.41
CA ASN B 210 -3.67 -30.55 1.84
C ASN B 210 -4.91 -31.36 2.19
N ASP B 211 -4.72 -32.63 2.52
CA ASP B 211 -5.83 -33.50 2.88
C ASP B 211 -6.11 -33.41 4.37
N GLY B 212 -5.45 -32.47 5.03
CA GLY B 212 -5.65 -32.31 6.47
C GLY B 212 -4.39 -32.55 7.27
N GLU B 213 -3.41 -33.22 6.67
CA GLU B 213 -2.17 -33.52 7.38
C GLU B 213 -0.97 -32.71 6.90
N GLY B 214 -1.22 -31.64 6.16
CA GLY B 214 -0.13 -30.81 5.68
C GLY B 214 -0.09 -30.67 4.17
N TRP B 215 0.61 -29.63 3.71
CA TRP B 215 0.72 -29.35 2.29
C TRP B 215 1.77 -30.24 1.59
N ASN B 216 1.36 -30.90 0.52
CA ASN B 216 2.26 -31.72 -0.27
C ASN B 216 2.29 -31.14 -1.68
N LEU B 217 3.45 -31.21 -2.33
CA LEU B 217 3.64 -30.66 -3.67
C LEU B 217 3.86 -31.71 -4.75
N ALA B 218 3.57 -31.34 -6.00
CA ALA B 218 3.76 -32.23 -7.15
C ALA B 218 3.79 -31.43 -8.45
N THR B 219 4.39 -32.02 -9.48
CA THR B 219 4.44 -31.38 -10.79
C THR B 219 4.03 -32.43 -11.82
N ARG B 220 3.58 -31.98 -12.98
CA ARG B 220 3.19 -32.88 -14.07
C ARG B 220 3.59 -32.23 -15.40
N GLU B 221 4.06 -33.07 -16.32
CA GLU B 221 4.48 -32.65 -17.65
C GLU B 221 3.55 -33.27 -18.67
N MET B 222 3.57 -32.73 -19.89
CA MET B 222 2.74 -33.25 -20.95
C MET B 222 3.20 -34.67 -21.31
N MET C 21 33.83 -2.13 7.30
CA MET C 21 34.40 -1.65 6.01
C MET C 21 33.69 -2.27 4.81
N TYR C 22 33.00 -3.39 5.04
CA TYR C 22 32.25 -4.03 3.98
C TYR C 22 30.83 -3.49 4.06
N LEU C 23 30.45 -2.71 3.06
CA LEU C 23 29.11 -2.10 3.03
C LEU C 23 28.12 -2.85 2.14
N GLY C 24 28.58 -3.86 1.42
CA GLY C 24 27.69 -4.60 0.53
C GLY C 24 27.34 -3.75 -0.68
N ARG C 25 26.07 -3.70 -1.06
CA ARG C 25 25.67 -2.90 -2.21
C ARG C 25 25.49 -1.44 -1.79
N ILE C 26 25.96 -0.54 -2.65
CA ILE C 26 25.91 0.89 -2.35
C ILE C 26 25.32 1.72 -3.47
N LEU C 27 24.62 2.79 -3.12
CA LEU C 27 24.05 3.68 -4.11
C LEU C 27 24.22 5.11 -3.62
N ALA C 28 24.39 6.02 -4.56
CA ALA C 28 24.54 7.43 -4.27
C ALA C 28 23.60 8.19 -5.19
N VAL C 29 23.13 9.34 -4.72
CA VAL C 29 22.21 10.14 -5.51
C VAL C 29 22.34 11.60 -5.11
N GLY C 30 22.14 12.49 -6.07
CA GLY C 30 22.24 13.91 -5.76
C GLY C 30 22.59 14.76 -6.95
N ARG C 31 23.04 15.99 -6.65
CA ARG C 31 23.43 16.93 -7.69
C ARG C 31 24.73 17.62 -7.28
N ASN C 32 25.53 17.99 -8.27
CA ASN C 32 26.76 18.74 -8.03
C ASN C 32 26.77 19.83 -9.08
N SER C 33 27.83 20.63 -9.13
CA SER C 33 27.89 21.73 -10.09
C SER C 33 27.78 21.28 -11.54
N ASN C 34 28.05 20.01 -11.83
CA ASN C 34 27.99 19.51 -13.19
C ASN C 34 26.64 18.94 -13.62
N GLY C 35 25.82 18.56 -12.63
CA GLY C 35 24.51 18.01 -12.96
C GLY C 35 23.98 17.08 -11.89
N SER C 36 22.96 16.30 -12.24
CA SER C 36 22.35 15.36 -11.30
C SER C 36 22.74 13.93 -11.65
N PHE C 37 22.67 13.03 -10.68
CA PHE C 37 23.07 11.64 -10.92
C PHE C 37 22.60 10.63 -9.89
N VAL C 38 22.82 9.37 -10.24
CA VAL C 38 22.57 8.23 -9.37
C VAL C 38 23.75 7.33 -9.71
N ALA C 39 24.33 6.69 -8.70
CA ALA C 39 25.46 5.81 -8.91
C ALA C 39 25.23 4.54 -8.12
N TYR C 40 25.71 3.43 -8.64
CA TYR C 40 25.52 2.14 -7.98
C TYR C 40 26.77 1.31 -8.01
N ARG C 41 27.02 0.60 -6.91
CA ARG C 41 28.19 -0.24 -6.85
C ARG C 41 27.91 -1.56 -6.17
N VAL C 42 28.31 -2.64 -6.82
CA VAL C 42 28.14 -3.95 -6.25
C VAL C 42 29.45 -4.33 -5.55
N SER C 43 29.32 -4.65 -4.26
CA SER C 43 30.44 -5.12 -3.45
C SER C 43 29.89 -6.49 -3.10
N SER C 44 30.71 -7.53 -3.16
CA SER C 44 30.19 -8.85 -2.84
C SER C 44 31.27 -9.83 -2.43
N ARG C 45 30.94 -10.72 -1.50
CA ARG C 45 31.88 -11.71 -1.02
C ARG C 45 31.51 -13.07 -1.61
N SER C 46 30.26 -13.44 -1.49
CA SER C 46 29.81 -14.73 -2.00
C SER C 46 29.38 -14.79 -3.46
N PHE C 47 29.19 -13.63 -4.10
CA PHE C 47 28.80 -13.60 -5.51
C PHE C 47 29.57 -12.52 -6.26
N PRO C 48 30.89 -12.67 -6.35
CA PRO C 48 31.77 -11.72 -7.03
C PRO C 48 31.82 -11.85 -8.55
N ASN C 49 31.28 -12.94 -9.08
CA ASN C 49 31.31 -13.18 -10.52
C ASN C 49 30.15 -12.52 -11.27
N ARG C 50 30.06 -11.19 -11.13
CA ARG C 50 29.00 -10.42 -11.76
C ARG C 50 29.54 -9.15 -12.41
N THR C 51 28.78 -8.63 -13.38
CA THR C 51 29.16 -7.42 -14.07
C THR C 51 27.89 -6.60 -14.33
N THR C 52 28.04 -5.39 -14.87
CA THR C 52 26.90 -4.54 -15.19
C THR C 52 26.73 -4.49 -16.71
N SER C 53 25.48 -4.44 -17.15
CA SER C 53 25.17 -4.42 -18.57
C SER C 53 24.17 -3.33 -18.91
N ILE C 54 24.49 -2.55 -19.94
CA ILE C 54 23.63 -1.46 -20.36
C ILE C 54 22.67 -1.91 -21.45
N GLN C 55 21.40 -1.62 -21.23
CA GLN C 55 20.35 -1.95 -22.18
C GLN C 55 19.51 -0.69 -22.32
N GLU C 56 18.43 -0.75 -23.10
CA GLU C 56 17.62 0.43 -23.30
C GLU C 56 17.05 1.06 -22.02
N GLU C 57 17.54 2.26 -21.72
CA GLU C 57 17.10 3.02 -20.55
C GLU C 57 17.29 2.28 -19.22
N ARG C 58 18.25 1.37 -19.17
CA ARG C 58 18.49 0.62 -17.93
C ARG C 58 19.87 -0.02 -17.86
N VAL C 59 20.28 -0.34 -16.64
CA VAL C 59 21.54 -1.01 -16.39
C VAL C 59 21.21 -2.20 -15.51
N ALA C 60 21.66 -3.38 -15.91
CA ALA C 60 21.39 -4.59 -15.16
C ALA C 60 22.65 -5.20 -14.55
N VAL C 61 22.48 -5.83 -13.40
CA VAL C 61 23.56 -6.52 -12.71
C VAL C 61 23.31 -7.97 -13.12
N VAL C 62 24.27 -8.58 -13.77
CA VAL C 62 24.11 -9.94 -14.26
C VAL C 62 25.37 -10.76 -14.07
N PRO C 63 25.26 -12.10 -14.09
CA PRO C 63 26.43 -12.96 -13.92
C PRO C 63 27.34 -12.84 -15.15
N VAL C 64 28.63 -13.03 -14.95
CA VAL C 64 29.58 -12.98 -16.05
C VAL C 64 29.47 -14.33 -16.77
N GLU C 65 29.95 -14.37 -18.03
CA GLU C 65 29.88 -15.60 -18.80
C GLU C 65 30.39 -16.80 -18.00
N GLY C 66 29.64 -17.90 -18.03
CA GLY C 66 30.04 -19.09 -17.31
C GLY C 66 29.45 -19.23 -15.92
N HIS C 67 28.67 -18.24 -15.49
CA HIS C 67 28.06 -18.28 -14.16
C HIS C 67 26.56 -17.98 -14.20
N GLU C 68 25.98 -18.08 -15.39
CA GLU C 68 24.55 -17.80 -15.57
C GLU C 68 23.67 -18.53 -14.55
N ARG C 69 24.01 -19.77 -14.23
CA ARG C 69 23.22 -20.55 -13.30
C ARG C 69 23.14 -20.04 -11.87
N ASP C 70 23.96 -19.04 -11.53
CA ASP C 70 23.92 -18.49 -10.17
C ASP C 70 22.57 -17.87 -9.85
N VAL C 71 21.87 -17.36 -10.88
CA VAL C 71 20.58 -16.74 -10.65
C VAL C 71 19.57 -17.74 -10.11
N PHE C 72 19.82 -19.02 -10.31
CA PHE C 72 18.92 -20.06 -9.80
C PHE C 72 19.32 -20.49 -8.39
N ARG C 73 20.48 -20.01 -7.93
CA ARG C 73 20.96 -20.36 -6.58
C ARG C 73 20.54 -19.30 -5.59
N ASN C 74 20.47 -18.06 -6.05
CA ASN C 74 20.08 -16.93 -5.21
C ASN C 74 19.30 -15.96 -6.09
N PRO C 75 18.04 -15.66 -5.73
CA PRO C 75 17.15 -14.77 -6.45
C PRO C 75 17.41 -13.27 -6.29
N TYR C 76 18.45 -12.92 -5.55
CA TYR C 76 18.74 -11.51 -5.32
C TYR C 76 20.01 -10.98 -5.98
N ILE C 77 20.66 -11.80 -6.81
CA ILE C 77 21.91 -11.36 -7.42
C ILE C 77 21.85 -10.78 -8.83
N ALA C 78 20.74 -10.95 -9.53
CA ALA C 78 20.59 -10.42 -10.89
C ALA C 78 19.34 -9.54 -10.92
N TYR C 79 19.47 -8.31 -11.41
CA TYR C 79 18.35 -7.38 -11.43
C TYR C 79 18.79 -6.07 -12.10
N ASN C 80 17.82 -5.23 -12.44
CA ASN C 80 18.15 -3.93 -13.01
C ASN C 80 18.48 -3.05 -11.82
N CYS C 81 19.66 -2.43 -11.84
CA CYS C 81 20.06 -1.56 -10.73
C CYS C 81 19.74 -0.10 -11.05
N ILE C 82 19.55 0.19 -12.33
CA ILE C 82 19.21 1.55 -12.76
C ILE C 82 18.15 1.51 -13.89
N ARG C 83 17.16 2.38 -13.78
CA ARG C 83 16.09 2.50 -14.78
C ARG C 83 15.87 3.99 -15.05
N ILE C 84 15.74 4.37 -16.31
CA ILE C 84 15.48 5.77 -16.63
C ILE C 84 14.06 5.86 -17.18
N VAL C 85 13.23 6.68 -16.56
CA VAL C 85 11.87 6.86 -17.03
C VAL C 85 11.68 8.36 -17.24
N GLY C 86 11.71 8.77 -18.51
CA GLY C 86 11.57 10.17 -18.83
C GLY C 86 12.66 11.00 -18.17
N ASP C 87 12.26 11.98 -17.38
CA ASP C 87 13.20 12.84 -16.68
C ASP C 87 13.66 12.25 -15.35
N THR C 88 13.18 11.07 -15.01
CA THR C 88 13.54 10.47 -13.73
C THR C 88 14.52 9.31 -13.80
N ALA C 89 15.48 9.29 -12.88
CA ALA C 89 16.44 8.20 -12.78
C ALA C 89 16.14 7.45 -11.48
N VAL C 90 16.08 6.12 -11.56
CA VAL C 90 15.81 5.28 -10.40
C VAL C 90 16.98 4.30 -10.20
N VAL C 91 17.39 4.13 -8.94
CA VAL C 91 18.50 3.24 -8.64
C VAL C 91 18.17 2.40 -7.41
N SER C 92 18.53 1.13 -7.43
CA SER C 92 18.26 0.25 -6.30
C SER C 92 19.07 -1.04 -6.38
N ASN C 93 19.11 -1.77 -5.26
CA ASN C 93 19.87 -3.01 -5.19
C ASN C 93 19.07 -4.25 -5.54
N GLY C 94 17.90 -4.08 -6.15
CA GLY C 94 17.09 -5.24 -6.48
C GLY C 94 16.05 -5.02 -7.58
N SER C 95 15.15 -5.98 -7.72
CA SER C 95 14.10 -5.89 -8.74
C SER C 95 13.11 -4.77 -8.43
N HIS C 96 13.19 -4.22 -7.23
CA HIS C 96 12.28 -3.12 -6.89
C HIS C 96 12.61 -1.87 -7.71
N THR C 97 13.70 -1.92 -8.47
CA THR C 97 14.07 -0.80 -9.34
C THR C 97 12.95 -0.65 -10.36
N ASP C 98 12.48 -1.79 -10.87
CA ASP C 98 11.41 -1.80 -11.86
C ASP C 98 10.07 -1.46 -11.22
N THR C 99 9.83 -1.95 -10.01
CA THR C 99 8.58 -1.69 -9.33
C THR C 99 8.40 -0.19 -9.13
N ILE C 100 9.48 0.46 -8.73
CA ILE C 100 9.47 1.91 -8.49
C ILE C 100 9.40 2.70 -9.79
N ALA C 101 10.26 2.34 -10.76
CA ALA C 101 10.31 3.04 -12.04
C ALA C 101 8.94 2.94 -12.75
N ASP C 102 8.32 1.77 -12.70
CA ASP C 102 7.01 1.58 -13.32
C ASP C 102 5.96 2.52 -12.73
N LYS C 103 5.96 2.67 -11.41
CA LYS C 103 4.99 3.55 -10.76
C LYS C 103 5.23 5.00 -11.17
N VAL C 104 6.50 5.39 -11.24
CA VAL C 104 6.84 6.75 -11.64
C VAL C 104 6.32 6.97 -13.08
N ALA C 105 6.55 5.98 -13.94
CA ALA C 105 6.10 6.06 -15.33
C ALA C 105 4.57 6.18 -15.41
N LEU C 106 3.86 5.47 -14.55
CA LEU C 106 2.40 5.53 -14.57
C LEU C 106 1.82 6.69 -13.78
N GLY C 107 2.68 7.52 -13.21
CA GLY C 107 2.20 8.66 -12.45
C GLY C 107 2.13 8.40 -10.96
N MET C 108 3.22 8.73 -10.27
CA MET C 108 3.28 8.59 -8.82
C MET C 108 4.51 9.37 -8.41
N ASN C 109 4.35 10.26 -7.43
CA ASN C 109 5.46 11.06 -6.93
C ASN C 109 6.55 10.13 -6.42
N LEU C 110 7.78 10.62 -6.40
CA LEU C 110 8.93 9.82 -5.98
C LEU C 110 8.85 9.21 -4.59
N ARG C 111 8.40 10.00 -3.63
CA ARG C 111 8.33 9.52 -2.26
C ARG C 111 7.42 8.30 -2.11
N ASP C 112 6.23 8.38 -2.72
CA ASP C 112 5.26 7.29 -2.64
C ASP C 112 5.66 6.09 -3.47
N ALA C 113 6.28 6.33 -4.62
CA ALA C 113 6.71 5.23 -5.49
C ALA C 113 7.73 4.39 -4.72
N ILE C 114 8.70 5.03 -4.07
CA ILE C 114 9.69 4.30 -3.29
C ILE C 114 9.04 3.71 -2.04
N GLY C 115 8.25 4.53 -1.34
CA GLY C 115 7.60 4.05 -0.12
C GLY C 115 6.72 2.82 -0.32
N LEU C 116 5.86 2.86 -1.34
CA LEU C 116 4.97 1.74 -1.60
C LEU C 116 5.73 0.48 -2.01
N SER C 117 6.72 0.66 -2.89
CA SER C 117 7.49 -0.48 -3.37
C SER C 117 8.28 -1.16 -2.26
N LEU C 118 8.91 -0.37 -1.40
CA LEU C 118 9.70 -0.97 -0.32
C LEU C 118 8.80 -1.60 0.74
N LEU C 119 7.68 -0.96 1.05
CA LEU C 119 6.76 -1.50 2.04
C LEU C 119 6.25 -2.87 1.59
N ALA C 120 5.92 -2.97 0.31
CA ALA C 120 5.39 -4.21 -0.25
C ALA C 120 6.44 -5.31 -0.39
N MET C 121 7.58 -4.98 -1.00
CA MET C 121 8.63 -5.98 -1.21
C MET C 121 9.42 -6.33 0.04
N ASP C 122 9.64 -5.35 0.91
CA ASP C 122 10.30 -5.63 2.17
C ASP C 122 11.78 -6.05 2.07
N TYR C 123 12.41 -6.32 3.20
CA TYR C 123 13.81 -6.74 3.18
C TYR C 123 13.93 -8.13 2.54
N GLU C 124 15.12 -8.47 2.07
CA GLU C 124 15.36 -9.76 1.41
C GLU C 124 15.44 -10.88 2.41
N LYS C 125 14.86 -12.03 2.06
CA LYS C 125 14.84 -13.16 2.97
C LYS C 125 16.04 -14.09 2.84
N ASP C 126 17.22 -13.57 3.15
CA ASP C 126 18.43 -14.38 3.11
C ASP C 126 18.98 -14.52 4.53
N GLU C 127 20.21 -14.99 4.67
CA GLU C 127 20.80 -15.18 5.99
C GLU C 127 21.02 -13.90 6.78
N LEU C 128 21.04 -12.75 6.10
CA LEU C 128 21.28 -11.49 6.78
C LEU C 128 20.11 -10.52 6.79
N ASN C 129 18.96 -10.94 6.30
CA ASN C 129 17.80 -10.04 6.21
C ASN C 129 18.24 -8.79 5.45
N THR C 130 19.05 -8.99 4.42
CA THR C 130 19.59 -7.90 3.61
C THR C 130 18.51 -6.90 3.21
N PRO C 131 18.72 -5.62 3.56
CA PRO C 131 17.77 -4.55 3.23
C PRO C 131 17.64 -4.30 1.74
N ARG C 132 16.56 -3.61 1.37
CA ARG C 132 16.35 -3.20 0.00
C ARG C 132 16.56 -1.69 0.10
N ILE C 133 17.42 -1.16 -0.76
CA ILE C 133 17.68 0.27 -0.77
C ILE C 133 17.29 0.82 -2.14
N ALA C 134 16.98 2.11 -2.21
CA ALA C 134 16.60 2.73 -3.47
C ALA C 134 16.67 4.24 -3.41
N ALA C 135 16.67 4.86 -4.58
CA ALA C 135 16.67 6.31 -4.70
C ALA C 135 16.12 6.63 -6.08
N ALA C 136 15.58 7.84 -6.21
CA ALA C 136 15.04 8.30 -7.48
C ALA C 136 15.25 9.81 -7.52
N ILE C 137 15.53 10.33 -8.70
CA ILE C 137 15.75 11.76 -8.83
C ILE C 137 15.28 12.29 -10.16
N ASN C 138 14.60 13.43 -10.14
CA ASN C 138 14.14 14.06 -11.38
C ASN C 138 14.67 15.49 -11.39
N GLY C 139 14.15 16.31 -12.29
CA GLY C 139 14.62 17.68 -12.40
C GLY C 139 14.41 18.58 -11.19
N SER C 140 13.44 18.28 -10.34
CA SER C 140 13.20 19.15 -9.19
C SER C 140 13.44 18.56 -7.80
N GLU C 141 13.40 17.23 -7.67
CA GLU C 141 13.62 16.65 -6.36
C GLU C 141 14.17 15.22 -6.39
N ALA C 142 14.59 14.75 -5.23
CA ALA C 142 15.14 13.42 -5.11
C ALA C 142 14.80 12.83 -3.74
N PHE C 143 14.64 11.51 -3.70
CA PHE C 143 14.34 10.80 -2.47
C PHE C 143 15.19 9.55 -2.36
N ILE C 144 15.44 9.12 -1.14
CA ILE C 144 16.25 7.93 -0.91
C ILE C 144 15.52 7.07 0.13
N GLY C 145 15.62 5.76 0.00
CA GLY C 145 14.92 4.91 0.93
C GLY C 145 15.56 3.57 1.26
N ILE C 146 15.10 3.00 2.38
CA ILE C 146 15.60 1.69 2.80
C ILE C 146 14.55 0.99 3.67
N VAL C 147 14.50 -0.33 3.56
CA VAL C 147 13.58 -1.10 4.38
C VAL C 147 14.41 -2.24 4.92
N THR C 148 14.37 -2.40 6.24
CA THR C 148 15.11 -3.45 6.93
C THR C 148 14.18 -4.21 7.86
N ALA C 149 14.74 -5.15 8.60
CA ALA C 149 13.94 -5.93 9.54
C ALA C 149 13.51 -5.05 10.72
N ASP C 150 14.09 -3.86 10.83
CA ASP C 150 13.73 -2.95 11.92
C ASP C 150 12.89 -1.75 11.49
N GLY C 151 12.62 -1.62 10.21
CA GLY C 151 11.81 -0.50 9.78
C GLY C 151 11.81 -0.14 8.31
N LEU C 152 11.24 1.03 8.04
CA LEU C 152 11.10 1.58 6.71
C LEU C 152 11.40 3.07 6.77
N MET C 153 12.22 3.56 5.85
CA MET C 153 12.55 4.97 5.81
C MET C 153 12.70 5.50 4.38
N VAL C 154 11.99 6.58 4.09
CA VAL C 154 12.08 7.23 2.79
C VAL C 154 12.23 8.70 3.12
N SER C 155 13.30 9.33 2.62
CA SER C 155 13.50 10.73 2.93
C SER C 155 13.98 11.57 1.76
N ARG C 156 13.63 12.84 1.79
CA ARG C 156 14.04 13.78 0.75
C ARG C 156 15.56 13.93 0.81
N VAL C 157 16.20 13.90 -0.36
CA VAL C 157 17.64 14.05 -0.44
C VAL C 157 17.95 15.55 -0.30
N PRO C 158 18.87 15.90 0.60
CA PRO C 158 19.24 17.31 0.80
C PRO C 158 19.64 17.96 -0.51
N GLU C 159 19.05 19.10 -0.80
CA GLU C 159 19.36 19.82 -2.02
C GLU C 159 20.82 20.29 -2.02
N GLU C 160 21.36 20.54 -0.83
CA GLU C 160 22.73 21.01 -0.70
C GLU C 160 23.83 19.96 -0.80
N THR C 161 23.49 18.68 -0.77
CA THR C 161 24.53 17.67 -0.85
C THR C 161 24.08 16.27 -1.27
N PRO C 162 24.93 15.58 -2.06
CA PRO C 162 24.63 14.23 -2.51
C PRO C 162 24.78 13.32 -1.31
N VAL C 163 24.10 12.18 -1.33
CA VAL C 163 24.17 11.23 -0.23
C VAL C 163 24.31 9.82 -0.77
N TYR C 164 24.64 8.89 0.10
CA TYR C 164 24.78 7.50 -0.29
C TYR C 164 24.26 6.63 0.86
N ILE C 165 23.95 5.39 0.55
CA ILE C 165 23.44 4.45 1.53
C ILE C 165 23.84 3.06 1.06
N SER C 166 23.97 2.12 1.98
CA SER C 166 24.36 0.76 1.62
C SER C 166 23.49 -0.25 2.34
N THR C 167 23.63 -1.52 1.97
CA THR C 167 22.82 -2.55 2.59
C THR C 167 23.38 -2.99 3.95
N TYR C 168 24.69 -2.84 4.15
CA TYR C 168 25.33 -3.22 5.42
C TYR C 168 26.10 -2.04 6.00
N GLU C 169 26.05 -1.90 7.32
CA GLU C 169 26.73 -0.83 8.05
C GLU C 169 26.13 0.56 7.87
N GLN C 170 26.28 1.14 6.68
CA GLN C 170 25.76 2.48 6.44
C GLN C 170 24.30 2.41 5.96
N THR C 171 23.45 1.85 6.81
CA THR C 171 22.04 1.68 6.50
C THR C 171 21.25 2.95 6.78
N GLU C 172 21.92 4.09 6.65
CA GLU C 172 21.32 5.39 6.87
C GLU C 172 21.98 6.34 5.88
N PRO C 173 21.21 7.29 5.30
CA PRO C 173 21.82 8.21 4.35
C PRO C 173 23.01 8.97 4.95
N ALA C 174 24.09 9.11 4.18
CA ALA C 174 25.27 9.82 4.62
C ALA C 174 25.75 10.79 3.53
N ALA C 175 26.13 11.99 3.95
CA ALA C 175 26.59 13.01 3.01
C ALA C 175 27.88 12.59 2.32
N THR C 176 28.02 12.97 1.06
CA THR C 176 29.21 12.64 0.30
C THR C 176 29.51 13.72 -0.74
N GLU C 177 30.76 14.13 -0.82
CA GLU C 177 31.16 15.12 -1.81
C GLU C 177 31.43 14.29 -3.05
N PHE C 178 30.37 14.05 -3.82
CA PHE C 178 30.46 13.24 -5.01
C PHE C 178 30.88 14.08 -6.21
N LYS C 179 32.12 13.93 -6.64
CA LYS C 179 32.60 14.68 -7.79
C LYS C 179 32.46 13.84 -9.05
N ALA C 180 31.88 14.43 -10.09
CA ALA C 180 31.68 13.75 -11.37
C ALA C 180 30.99 14.68 -12.37
N GLY C 181 31.38 14.58 -13.63
CA GLY C 181 30.78 15.40 -14.65
C GLY C 181 30.21 14.56 -15.79
N SER C 182 30.18 13.24 -15.59
CA SER C 182 29.67 12.31 -16.59
C SER C 182 29.33 10.98 -15.91
N PRO C 183 28.55 10.12 -16.58
CA PRO C 183 28.22 8.83 -15.95
C PRO C 183 29.47 7.96 -15.75
N GLU C 184 30.44 8.10 -16.67
CA GLU C 184 31.67 7.34 -16.57
C GLU C 184 32.41 7.69 -15.28
N GLU C 185 32.54 8.98 -15.01
CA GLU C 185 33.20 9.47 -13.81
C GLU C 185 32.45 9.08 -12.55
N ALA C 186 31.11 9.17 -12.60
CA ALA C 186 30.27 8.83 -11.45
C ALA C 186 30.44 7.37 -11.07
N ALA C 187 30.43 6.49 -12.08
CA ALA C 187 30.58 5.07 -11.84
C ALA C 187 31.96 4.77 -11.22
N GLU C 188 32.99 5.41 -11.78
CA GLU C 188 34.35 5.22 -11.29
C GLU C 188 34.52 5.67 -9.85
N PHE C 189 33.95 6.83 -9.53
CA PHE C 189 34.03 7.38 -8.20
C PHE C 189 33.43 6.47 -7.13
N ILE C 190 32.20 6.00 -7.34
CA ILE C 190 31.58 5.12 -6.34
C ILE C 190 32.31 3.80 -6.27
N LEU C 191 33.05 3.47 -7.33
CA LEU C 191 33.80 2.23 -7.34
C LEU C 191 35.16 2.33 -6.63
N LYS C 192 35.93 3.37 -6.96
CA LYS C 192 37.27 3.54 -6.37
C LYS C 192 37.60 4.92 -5.86
N GLY C 193 36.69 5.88 -6.01
CA GLY C 193 36.97 7.23 -5.58
C GLY C 193 36.63 7.64 -4.16
N GLY C 194 37.19 8.76 -3.74
CA GLY C 194 36.94 9.30 -2.42
C GLY C 194 36.86 8.32 -1.27
N GLU C 195 35.83 8.47 -0.45
CA GLU C 195 35.62 7.60 0.70
C GLU C 195 35.21 6.19 0.31
N PHE C 196 34.78 6.01 -0.94
CA PHE C 196 34.36 4.69 -1.38
C PHE C 196 35.55 3.76 -1.57
N ALA C 197 36.73 4.34 -1.70
CA ALA C 197 37.94 3.54 -1.87
C ALA C 197 38.16 2.61 -0.67
N ALA C 198 37.68 3.03 0.50
CA ALA C 198 37.83 2.24 1.73
C ALA C 198 36.82 1.10 1.90
N PHE C 199 35.72 1.13 1.14
CA PHE C 199 34.72 0.08 1.26
C PHE C 199 35.19 -1.12 0.44
N THR C 200 35.31 -2.26 1.11
CA THR C 200 35.85 -3.48 0.52
C THR C 200 35.01 -4.37 -0.39
N HIS C 201 35.72 -5.26 -1.08
CA HIS C 201 35.13 -6.22 -2.00
C HIS C 201 34.39 -5.64 -3.21
N PRO C 202 34.94 -4.59 -3.84
CA PRO C 202 34.29 -3.99 -5.00
C PRO C 202 34.24 -4.99 -6.17
N VAL C 203 33.15 -4.98 -6.92
CA VAL C 203 33.02 -5.89 -8.06
C VAL C 203 32.76 -5.12 -9.35
N THR C 204 31.67 -4.37 -9.39
CA THR C 204 31.29 -3.60 -10.57
C THR C 204 30.43 -2.41 -10.17
N ALA C 205 30.40 -1.40 -11.02
CA ALA C 205 29.61 -0.19 -10.75
C ALA C 205 28.96 0.34 -12.02
N ALA C 206 27.95 1.19 -11.83
CA ALA C 206 27.22 1.81 -12.93
C ALA C 206 26.68 3.15 -12.43
N ALA C 207 26.30 4.01 -13.37
CA ALA C 207 25.77 5.32 -13.00
C ALA C 207 24.97 5.92 -14.14
N ALA C 208 24.15 6.91 -13.80
CA ALA C 208 23.35 7.64 -14.76
C ALA C 208 23.64 9.10 -14.44
N PHE C 209 23.92 9.91 -15.46
CA PHE C 209 24.22 11.31 -15.23
C PHE C 209 23.42 12.20 -16.16
N ASN C 210 22.96 13.33 -15.64
CA ASN C 210 22.20 14.27 -16.45
C ASN C 210 22.80 15.67 -16.29
N ASP C 211 23.48 16.16 -17.33
CA ASP C 211 24.10 17.48 -17.30
C ASP C 211 23.11 18.53 -17.77
N GLY C 212 21.87 18.12 -17.97
CA GLY C 212 20.85 19.06 -18.43
C GLY C 212 20.29 18.69 -19.78
N GLU C 213 20.97 17.83 -20.52
CA GLU C 213 20.50 17.43 -21.84
C GLU C 213 20.00 15.99 -21.91
N GLY C 214 19.74 15.40 -20.74
CA GLY C 214 19.24 14.03 -20.72
C GLY C 214 20.10 13.03 -19.97
N TRP C 215 19.49 11.93 -19.57
CA TRP C 215 20.20 10.92 -18.81
C TRP C 215 21.09 10.02 -19.67
N ASN C 216 22.36 9.90 -19.29
CA ASN C 216 23.31 9.06 -19.99
C ASN C 216 23.80 8.00 -19.00
N LEU C 217 24.07 6.80 -19.49
CA LEU C 217 24.49 5.70 -18.64
C LEU C 217 25.92 5.25 -18.89
N ALA C 218 26.51 4.59 -17.89
CA ALA C 218 27.87 4.06 -17.99
C ALA C 218 28.14 3.02 -16.92
N THR C 219 29.12 2.16 -17.16
CA THR C 219 29.51 1.16 -16.19
C THR C 219 31.03 1.20 -16.06
N ARG C 220 31.54 0.70 -14.94
CA ARG C 220 32.98 0.63 -14.69
C ARG C 220 33.31 -0.66 -13.96
N GLU C 221 34.44 -1.26 -14.32
CA GLU C 221 34.90 -2.49 -13.70
C GLU C 221 36.21 -2.21 -12.96
N MET C 222 36.60 -3.13 -12.08
CA MET C 222 37.84 -2.96 -11.34
C MET C 222 39.01 -3.04 -12.31
N MET D 21 10.21 24.98 22.09
CA MET D 21 9.64 24.39 23.33
C MET D 21 8.25 23.85 23.11
N TYR D 22 7.62 24.25 22.01
CA TYR D 22 6.28 23.78 21.68
C TYR D 22 6.43 22.59 20.73
N LEU D 23 6.04 21.40 21.21
CA LEU D 23 6.16 20.18 20.41
C LEU D 23 4.84 19.73 19.79
N GLY D 24 3.74 20.42 20.11
CA GLY D 24 2.45 20.03 19.57
C GLY D 24 1.99 18.74 20.22
N ARG D 25 1.49 17.80 19.43
CA ARG D 25 1.02 16.53 19.98
C ARG D 25 2.19 15.60 20.19
N ILE D 26 2.19 14.90 21.33
CA ILE D 26 3.29 14.01 21.69
C ILE D 26 2.84 12.61 22.08
N LEU D 27 3.64 11.60 21.76
CA LEU D 27 3.31 10.25 22.14
C LEU D 27 4.58 9.55 22.60
N ALA D 28 4.43 8.63 23.54
CA ALA D 28 5.56 7.89 24.07
C ALA D 28 5.17 6.42 24.08
N VAL D 29 6.15 5.54 23.94
CA VAL D 29 5.87 4.12 23.91
C VAL D 29 7.09 3.36 24.38
N GLY D 30 6.86 2.21 24.99
CA GLY D 30 7.99 1.42 25.46
C GLY D 30 7.66 0.57 26.67
N ARG D 31 8.71 0.10 27.34
CA ARG D 31 8.55 -0.74 28.52
C ARG D 31 9.55 -0.29 29.59
N ASN D 32 9.16 -0.47 30.84
CA ASN D 32 10.04 -0.15 31.97
C ASN D 32 9.91 -1.34 32.91
N SER D 33 10.55 -1.27 34.08
CA SER D 33 10.48 -2.38 35.03
C SER D 33 9.06 -2.73 35.48
N ASN D 34 8.13 -1.80 35.35
CA ASN D 34 6.75 -2.05 35.77
C ASN D 34 5.83 -2.63 34.70
N GLY D 35 6.20 -2.45 33.43
CA GLY D 35 5.37 -2.99 32.36
C GLY D 35 5.53 -2.24 31.06
N SER D 36 4.59 -2.44 30.15
CA SER D 36 4.63 -1.78 28.84
C SER D 36 3.55 -0.71 28.76
N PHE D 37 3.74 0.29 27.90
CA PHE D 37 2.77 1.38 27.81
C PHE D 37 2.86 2.22 26.54
N VAL D 38 1.85 3.07 26.39
CA VAL D 38 1.77 4.07 25.32
C VAL D 38 1.19 5.25 26.08
N ALA D 39 1.66 6.45 25.77
CA ALA D 39 1.16 7.64 26.43
C ALA D 39 0.95 8.70 25.38
N TYR D 40 -0.06 9.53 25.57
CA TYR D 40 -0.37 10.57 24.61
C TYR D 40 -0.67 11.88 25.29
N ARG D 41 -0.22 12.98 24.69
CA ARG D 41 -0.46 14.29 25.26
C ARG D 41 -0.80 15.31 24.18
N VAL D 42 -1.88 16.04 24.42
CA VAL D 42 -2.28 17.08 23.50
C VAL D 42 -1.74 18.40 24.01
N SER D 43 -0.98 19.08 23.17
CA SER D 43 -0.44 20.40 23.47
C SER D 43 -1.10 21.16 22.34
N SER D 44 -1.65 22.34 22.61
CA SER D 44 -2.30 23.07 21.54
C SER D 44 -2.39 24.57 21.81
N ARG D 45 -2.27 25.36 20.76
CA ARG D 45 -2.35 26.81 20.86
C ARG D 45 -3.68 27.29 20.36
N SER D 46 -4.08 26.83 19.18
CA SER D 46 -5.33 27.26 18.57
C SER D 46 -6.56 26.44 18.95
N PHE D 47 -6.37 25.26 19.53
CA PHE D 47 -7.51 24.44 19.94
C PHE D 47 -7.28 23.84 21.33
N PRO D 48 -7.21 24.70 22.35
CA PRO D 48 -6.98 24.28 23.75
C PRO D 48 -8.22 23.78 24.47
N ASN D 49 -9.39 23.99 23.89
CA ASN D 49 -10.64 23.58 24.52
C ASN D 49 -11.02 22.13 24.24
N ARG D 50 -10.12 21.23 24.62
CA ARG D 50 -10.34 19.80 24.39
C ARG D 50 -9.95 18.97 25.62
N THR D 51 -10.51 17.76 25.70
CA THR D 51 -10.24 16.86 26.80
C THR D 51 -10.17 15.43 26.25
N THR D 52 -9.80 14.48 27.09
CA THR D 52 -9.73 13.09 26.67
C THR D 52 -10.90 12.33 27.31
N SER D 53 -11.45 11.38 26.57
CA SER D 53 -12.59 10.59 27.04
C SER D 53 -12.36 9.09 26.84
N ILE D 54 -12.59 8.32 27.90
CA ILE D 54 -12.42 6.88 27.85
C ILE D 54 -13.71 6.18 27.46
N GLN D 55 -13.59 5.31 26.47
CA GLN D 55 -14.72 4.53 25.99
C GLN D 55 -14.21 3.09 25.88
N GLU D 56 -15.04 2.17 25.40
CA GLU D 56 -14.61 0.78 25.32
C GLU D 56 -13.35 0.53 24.49
N GLU D 57 -12.29 0.12 25.18
CA GLU D 57 -11.00 -0.18 24.56
C GLU D 57 -10.40 0.98 23.77
N ARG D 58 -10.76 2.20 24.13
CA ARG D 58 -10.22 3.36 23.43
C ARG D 58 -10.31 4.67 24.21
N VAL D 59 -9.49 5.63 23.82
CA VAL D 59 -9.48 6.94 24.42
C VAL D 59 -9.60 7.94 23.28
N ALA D 60 -10.57 8.83 23.38
CA ALA D 60 -10.79 9.82 22.34
C ALA D 60 -10.46 11.24 22.79
N VAL D 61 -9.96 12.04 21.85
CA VAL D 61 -9.65 13.44 22.09
C VAL D 61 -10.91 14.12 21.52
N VAL D 62 -11.63 14.83 22.39
CA VAL D 62 -12.87 15.51 21.98
C VAL D 62 -12.98 16.92 22.56
N PRO D 63 -13.84 17.75 21.97
CA PRO D 63 -14.01 19.12 22.47
C PRO D 63 -14.71 19.07 23.83
N VAL D 64 -14.44 20.08 24.67
CA VAL D 64 -15.08 20.15 25.97
C VAL D 64 -16.49 20.71 25.74
N GLU D 65 -17.39 20.50 26.68
CA GLU D 65 -18.75 20.99 26.54
C GLU D 65 -18.78 22.45 26.08
N GLY D 66 -19.63 22.75 25.11
CA GLY D 66 -19.73 24.11 24.61
C GLY D 66 -18.85 24.42 23.40
N HIS D 67 -18.05 23.46 22.97
CA HIS D 67 -17.17 23.67 21.82
C HIS D 67 -17.30 22.56 20.78
N GLU D 68 -18.37 21.78 20.88
CA GLU D 68 -18.60 20.68 19.96
C GLU D 68 -18.42 21.06 18.49
N ARG D 69 -18.86 22.27 18.13
CA ARG D 69 -18.77 22.71 16.74
C ARG D 69 -17.37 22.90 16.18
N ASP D 70 -16.36 22.82 17.03
CA ASP D 70 -14.99 23.00 16.55
C ASP D 70 -14.60 21.88 15.58
N VAL D 71 -15.21 20.71 15.72
CA VAL D 71 -14.88 19.60 14.83
C VAL D 71 -15.26 19.92 13.39
N PHE D 72 -16.17 20.88 13.21
CA PHE D 72 -16.57 21.27 11.86
C PHE D 72 -15.68 22.38 11.32
N ARG D 73 -14.81 22.93 12.17
CA ARG D 73 -13.91 24.00 11.76
C ARG D 73 -12.56 23.42 11.36
N ASN D 74 -12.17 22.33 12.00
CA ASN D 74 -10.91 21.67 11.72
C ASN D 74 -11.14 20.17 11.89
N PRO D 75 -10.87 19.38 10.84
CA PRO D 75 -11.05 17.92 10.84
C PRO D 75 -9.98 17.11 11.54
N TYR D 76 -8.99 17.78 12.11
CA TYR D 76 -7.91 17.08 12.77
C TYR D 76 -7.87 17.20 14.30
N ILE D 77 -8.90 17.79 14.91
CA ILE D 77 -8.87 17.99 16.35
C ILE D 77 -9.59 16.98 17.23
N ALA D 78 -10.47 16.18 16.64
CA ALA D 78 -11.19 15.16 17.40
C ALA D 78 -10.90 13.79 16.76
N TYR D 79 -10.50 12.82 17.57
CA TYR D 79 -10.15 11.49 17.06
C TYR D 79 -9.79 10.58 18.23
N ASN D 80 -9.70 9.27 17.97
CA ASN D 80 -9.29 8.34 19.01
C ASN D 80 -7.77 8.42 19.01
N CYS D 81 -7.18 8.67 20.18
CA CYS D 81 -5.73 8.76 20.28
C CYS D 81 -5.15 7.44 20.77
N ILE D 82 -6.00 6.59 21.33
CA ILE D 82 -5.56 5.29 21.81
C ILE D 82 -6.62 4.22 21.53
N ARG D 83 -6.17 3.07 21.04
CA ARG D 83 -7.05 1.94 20.72
C ARG D 83 -6.39 0.69 21.26
N ILE D 84 -7.15 -0.19 21.90
CA ILE D 84 -6.60 -1.43 22.40
C ILE D 84 -7.23 -2.56 21.60
N VAL D 85 -6.40 -3.38 20.96
CA VAL D 85 -6.90 -4.51 20.19
C VAL D 85 -6.17 -5.73 20.73
N GLY D 86 -6.89 -6.54 21.50
CA GLY D 86 -6.29 -7.72 22.10
C GLY D 86 -5.09 -7.34 22.93
N ASP D 87 -3.95 -7.96 22.63
CA ASP D 87 -2.71 -7.70 23.36
C ASP D 87 -1.97 -6.46 22.84
N THR D 88 -2.53 -5.79 21.84
CA THR D 88 -1.85 -4.63 21.27
C THR D 88 -2.43 -3.27 21.62
N ALA D 89 -1.55 -2.33 21.91
CA ALA D 89 -1.96 -0.96 22.20
C ALA D 89 -1.47 -0.07 21.04
N VAL D 90 -2.37 0.73 20.51
CA VAL D 90 -2.05 1.65 19.41
C VAL D 90 -2.28 3.09 19.86
N VAL D 91 -1.34 3.97 19.54
CA VAL D 91 -1.47 5.39 19.90
C VAL D 91 -1.10 6.26 18.70
N SER D 92 -1.83 7.35 18.50
CA SER D 92 -1.54 8.27 17.39
C SER D 92 -2.24 9.61 17.57
N ASN D 93 -1.82 10.59 16.78
CA ASN D 93 -2.38 11.94 16.86
C ASN D 93 -3.56 12.17 15.91
N GLY D 94 -4.15 11.10 15.39
CA GLY D 94 -5.27 11.29 14.48
C GLY D 94 -6.15 10.07 14.27
N SER D 95 -7.03 10.14 13.27
CA SER D 95 -7.94 9.03 12.99
C SER D 95 -7.20 7.80 12.48
N HIS D 96 -5.91 7.94 12.18
CA HIS D 96 -5.15 6.79 11.71
C HIS D 96 -4.97 5.79 12.85
N THR D 97 -5.37 6.17 14.06
CA THR D 97 -5.28 5.24 15.20
C THR D 97 -6.19 4.06 14.89
N ASP D 98 -7.36 4.37 14.34
CA ASP D 98 -8.31 3.33 13.99
C ASP D 98 -7.88 2.56 12.74
N THR D 99 -7.29 3.25 11.78
CA THR D 99 -6.82 2.60 10.56
C THR D 99 -5.79 1.54 10.91
N ILE D 100 -4.86 1.91 11.79
CA ILE D 100 -3.80 1.01 12.22
C ILE D 100 -4.34 -0.13 13.10
N ALA D 101 -5.13 0.23 14.11
CA ALA D 101 -5.71 -0.76 15.02
C ALA D 101 -6.56 -1.78 14.27
N ASP D 102 -7.33 -1.31 13.31
CA ASP D 102 -8.17 -2.22 12.52
C ASP D 102 -7.34 -3.25 11.76
N LYS D 103 -6.22 -2.82 11.20
CA LYS D 103 -5.35 -3.74 10.45
C LYS D 103 -4.72 -4.76 11.41
N VAL D 104 -4.33 -4.29 12.59
CA VAL D 104 -3.74 -5.21 13.56
C VAL D 104 -4.80 -6.24 13.93
N ALA D 105 -6.03 -5.78 14.14
CA ALA D 105 -7.12 -6.68 14.50
C ALA D 105 -7.41 -7.73 13.41
N LEU D 106 -7.27 -7.32 12.15
CA LEU D 106 -7.53 -8.22 11.05
C LEU D 106 -6.31 -9.05 10.65
N GLY D 107 -5.21 -8.87 11.37
CA GLY D 107 -4.01 -9.62 11.06
C GLY D 107 -3.05 -8.87 10.17
N MET D 108 -2.11 -8.18 10.80
CA MET D 108 -1.07 -7.44 10.11
C MET D 108 -0.06 -7.08 11.17
N ASN D 109 1.21 -7.36 10.89
CA ASN D 109 2.28 -7.06 11.83
C ASN D 109 2.29 -5.56 12.08
N LEU D 110 2.84 -5.16 13.23
CA LEU D 110 2.86 -3.76 13.62
C LEU D 110 3.55 -2.80 12.64
N ARG D 111 4.71 -3.21 12.13
CA ARG D 111 5.45 -2.36 11.21
C ARG D 111 4.66 -2.02 9.96
N ASP D 112 4.05 -3.02 9.34
CA ASP D 112 3.26 -2.82 8.13
C ASP D 112 1.95 -2.08 8.38
N ALA D 113 1.33 -2.35 9.53
CA ALA D 113 0.06 -1.68 9.86
C ALA D 113 0.30 -0.18 9.96
N ILE D 114 1.37 0.21 10.65
CA ILE D 114 1.72 1.62 10.78
C ILE D 114 2.19 2.15 9.42
N GLY D 115 3.09 1.42 8.77
CA GLY D 115 3.61 1.85 7.50
C GLY D 115 2.55 2.09 6.44
N LEU D 116 1.65 1.14 6.27
CA LEU D 116 0.59 1.25 5.27
C LEU D 116 -0.37 2.41 5.57
N SER D 117 -0.78 2.51 6.83
CA SER D 117 -1.70 3.56 7.23
C SER D 117 -1.10 4.96 7.03
N LEU D 118 0.15 5.15 7.42
CA LEU D 118 0.77 6.46 7.27
C LEU D 118 1.05 6.82 5.82
N LEU D 119 1.45 5.82 5.02
CA LEU D 119 1.73 6.04 3.61
C LEU D 119 0.47 6.51 2.92
N ALA D 120 -0.65 5.86 3.24
CA ALA D 120 -1.93 6.20 2.64
C ALA D 120 -2.53 7.53 3.10
N MET D 121 -2.61 7.73 4.41
CA MET D 121 -3.19 8.94 4.96
C MET D 121 -2.29 10.17 4.82
N ASP D 122 -0.99 9.97 4.94
CA ASP D 122 -0.06 11.08 4.75
C ASP D 122 -0.15 12.20 5.80
N TYR D 123 0.67 13.23 5.63
CA TYR D 123 0.64 14.35 6.58
C TYR D 123 -0.68 15.10 6.45
N GLU D 124 -1.05 15.85 7.49
CA GLU D 124 -2.29 16.61 7.49
C GLU D 124 -2.17 17.85 6.63
N LYS D 125 -3.25 18.15 5.92
CA LYS D 125 -3.25 19.29 5.02
C LYS D 125 -3.70 20.59 5.67
N ASP D 126 -2.91 21.07 6.63
CA ASP D 126 -3.23 22.34 7.29
C ASP D 126 -2.13 23.34 6.98
N GLU D 127 -2.10 24.46 7.69
CA GLU D 127 -1.09 25.48 7.43
C GLU D 127 0.34 25.05 7.71
N LEU D 128 0.51 24.00 8.50
CA LEU D 128 1.87 23.54 8.83
C LEU D 128 2.25 22.16 8.29
N ASN D 129 1.41 21.57 7.45
CA ASN D 129 1.68 20.23 6.94
C ASN D 129 1.94 19.33 8.14
N THR D 130 1.16 19.52 9.20
CA THR D 130 1.30 18.76 10.43
C THR D 130 1.43 17.25 10.19
N PRO D 131 2.52 16.65 10.68
CA PRO D 131 2.76 15.21 10.51
C PRO D 131 1.74 14.34 11.24
N ARG D 132 1.69 13.07 10.84
CA ARG D 132 0.84 12.10 11.51
C ARG D 132 1.86 11.23 12.17
N ILE D 133 1.69 11.00 13.47
CA ILE D 133 2.60 10.16 14.24
C ILE D 133 1.82 8.99 14.82
N ALA D 134 2.51 7.90 15.12
CA ALA D 134 1.86 6.74 15.67
C ALA D 134 2.85 5.76 16.26
N ALA D 135 2.33 4.84 17.06
CA ALA D 135 3.12 3.80 17.69
C ALA D 135 2.17 2.67 18.06
N ALA D 136 2.71 1.47 18.17
CA ALA D 136 1.91 0.31 18.53
C ALA D 136 2.84 -0.62 19.28
N ILE D 137 2.30 -1.31 20.28
CA ILE D 137 3.12 -2.21 21.07
C ILE D 137 2.33 -3.41 21.57
N ASN D 138 2.93 -4.59 21.48
CA ASN D 138 2.28 -5.79 21.96
C ASN D 138 3.24 -6.47 22.94
N GLY D 139 2.98 -7.73 23.26
CA GLY D 139 3.83 -8.43 24.21
C GLY D 139 5.26 -8.67 23.81
N SER D 140 5.55 -8.70 22.51
CA SER D 140 6.92 -8.96 22.10
C SER D 140 7.66 -7.84 21.37
N GLU D 141 6.94 -6.90 20.77
CA GLU D 141 7.63 -5.83 20.08
C GLU D 141 6.83 -4.55 19.97
N ALA D 142 7.52 -3.49 19.56
CA ALA D 142 6.88 -2.19 19.42
C ALA D 142 7.52 -1.43 18.26
N PHE D 143 6.72 -0.60 17.61
CA PHE D 143 7.18 0.23 16.49
C PHE D 143 6.63 1.63 16.63
N ILE D 144 7.36 2.59 16.08
CA ILE D 144 6.95 3.98 16.14
C ILE D 144 7.10 4.57 14.73
N GLY D 145 6.20 5.46 14.35
CA GLY D 145 6.29 6.04 13.02
C GLY D 145 5.82 7.47 12.84
N ILE D 146 6.25 8.06 11.73
CA ILE D 146 5.87 9.42 11.40
C ILE D 146 5.93 9.63 9.89
N VAL D 147 5.02 10.46 9.39
CA VAL D 147 5.01 10.80 7.98
C VAL D 147 4.87 12.32 7.93
N THR D 148 5.79 12.94 7.18
CA THR D 148 5.80 14.40 7.02
C THR D 148 5.87 14.75 5.54
N ALA D 149 5.98 16.03 5.24
CA ALA D 149 6.09 16.48 3.87
C ALA D 149 7.44 16.09 3.30
N ASP D 150 8.37 15.66 4.15
CA ASP D 150 9.70 15.26 3.69
C ASP D 150 9.96 13.76 3.71
N GLY D 151 8.99 12.98 4.18
CA GLY D 151 9.22 11.55 4.20
C GLY D 151 8.31 10.69 5.04
N LEU D 152 8.71 9.44 5.17
CA LEU D 152 7.99 8.42 5.93
C LEU D 152 9.02 7.60 6.71
N MET D 153 8.72 7.37 7.99
CA MET D 153 9.63 6.57 8.81
C MET D 153 8.88 5.73 9.83
N VAL D 154 9.20 4.44 9.84
CA VAL D 154 8.60 3.51 10.79
C VAL D 154 9.79 2.71 11.31
N SER D 155 10.00 2.70 12.62
CA SER D 155 11.14 1.98 13.15
C SER D 155 10.84 1.21 14.43
N ARG D 156 11.61 0.14 14.64
CA ARG D 156 11.43 -0.68 15.83
C ARG D 156 11.84 0.13 17.05
N VAL D 157 11.02 0.06 18.10
CA VAL D 157 11.33 0.78 19.34
C VAL D 157 12.40 -0.01 20.09
N PRO D 158 13.49 0.66 20.48
CA PRO D 158 14.57 0.00 21.21
C PRO D 158 14.05 -0.76 22.42
N GLU D 159 14.42 -2.02 22.55
CA GLU D 159 13.97 -2.83 23.67
C GLU D 159 14.51 -2.29 24.99
N GLU D 160 15.68 -1.65 24.92
CA GLU D 160 16.32 -1.10 26.11
C GLU D 160 15.80 0.24 26.62
N THR D 161 14.97 0.93 25.84
CA THR D 161 14.47 2.22 26.30
C THR D 161 13.22 2.76 25.63
N PRO D 162 12.35 3.41 26.42
CA PRO D 162 11.11 3.96 25.88
C PRO D 162 11.52 5.17 25.04
N VAL D 163 10.67 5.56 24.11
CA VAL D 163 10.96 6.71 23.25
C VAL D 163 9.69 7.53 23.08
N TYR D 164 9.85 8.73 22.57
CA TYR D 164 8.71 9.61 22.33
C TYR D 164 8.97 10.36 21.04
N ILE D 165 7.91 10.92 20.46
CA ILE D 165 8.01 11.67 19.22
C ILE D 165 6.88 12.67 19.25
N SER D 166 7.03 13.78 18.52
CA SER D 166 5.98 14.80 18.48
C SER D 166 5.75 15.28 17.06
N THR D 167 4.70 16.08 16.86
CA THR D 167 4.41 16.58 15.53
C THR D 167 5.28 17.77 15.14
N TYR D 168 5.75 18.54 16.13
CA TYR D 168 6.62 19.69 15.85
C TYR D 168 7.94 19.56 16.62
N GLU D 169 9.02 19.99 15.99
CA GLU D 169 10.36 19.96 16.58
C GLU D 169 10.96 18.56 16.73
N GLN D 170 10.44 17.77 17.65
CA GLN D 170 10.97 16.43 17.88
C GLN D 170 10.29 15.41 16.94
N THR D 171 10.45 15.65 15.64
CA THR D 171 9.86 14.79 14.62
C THR D 171 10.71 13.55 14.35
N GLU D 172 11.41 13.11 15.38
CA GLU D 172 12.29 11.95 15.30
C GLU D 172 12.24 11.28 16.66
N PRO D 173 12.23 9.94 16.71
CA PRO D 173 12.18 9.27 18.01
C PRO D 173 13.32 9.71 18.93
N ALA D 174 13.01 9.91 20.21
CA ALA D 174 14.00 10.33 21.20
C ALA D 174 13.84 9.50 22.46
N ALA D 175 14.97 9.06 23.01
CA ALA D 175 14.96 8.24 24.22
C ALA D 175 14.42 9.02 25.42
N THR D 176 13.72 8.33 26.31
CA THR D 176 13.14 8.95 27.49
C THR D 176 13.05 7.96 28.64
N GLU D 177 13.47 8.39 29.82
CA GLU D 177 13.38 7.53 31.00
C GLU D 177 11.97 7.76 31.49
N PHE D 178 11.04 6.99 30.95
CA PHE D 178 9.63 7.11 31.30
C PHE D 178 9.30 6.28 32.53
N LYS D 179 9.09 6.95 33.65
CA LYS D 179 8.76 6.24 34.89
C LYS D 179 7.25 6.22 35.07
N ALA D 180 6.71 5.04 35.36
CA ALA D 180 5.28 4.87 35.57
C ALA D 180 4.96 3.41 35.88
N GLY D 181 3.99 3.19 36.74
CA GLY D 181 3.59 1.84 37.09
C GLY D 181 2.11 1.61 36.87
N SER D 182 1.44 2.59 36.27
CA SER D 182 0.02 2.51 36.00
C SER D 182 -0.34 3.50 34.89
N PRO D 183 -1.53 3.37 34.29
CA PRO D 183 -1.89 4.31 33.23
C PRO D 183 -2.05 5.73 33.76
N GLU D 184 -2.47 5.85 35.01
CA GLU D 184 -2.64 7.16 35.63
C GLU D 184 -1.31 7.87 35.72
N GLU D 185 -0.28 7.16 36.19
CA GLU D 185 1.06 7.71 36.30
C GLU D 185 1.67 8.04 34.93
N ALA D 186 1.42 7.16 33.96
CA ALA D 186 1.95 7.37 32.61
C ALA D 186 1.36 8.64 31.99
N ALA D 187 0.06 8.82 32.14
CA ALA D 187 -0.59 10.01 31.59
C ALA D 187 -0.07 11.28 32.25
N GLU D 188 0.10 11.22 33.58
CA GLU D 188 0.60 12.37 34.34
C GLU D 188 2.02 12.74 33.92
N PHE D 189 2.86 11.73 33.78
CA PHE D 189 4.26 11.94 33.40
C PHE D 189 4.41 12.65 32.06
N ILE D 190 3.71 12.18 31.03
CA ILE D 190 3.84 12.81 29.72
C ILE D 190 3.24 14.21 29.75
N LEU D 191 2.34 14.44 30.71
CA LEU D 191 1.69 15.74 30.83
C LEU D 191 2.56 16.76 31.58
N LYS D 192 3.09 16.38 32.74
CA LYS D 192 3.89 17.30 33.56
C LYS D 192 5.19 16.74 34.10
N GLY D 193 5.48 15.47 33.85
CA GLY D 193 6.70 14.88 34.38
C GLY D 193 7.96 15.00 33.55
N GLY D 194 9.08 14.70 34.21
CA GLY D 194 10.39 14.72 33.57
C GLY D 194 10.63 15.84 32.57
N GLU D 195 11.19 15.45 31.42
CA GLU D 195 11.50 16.39 30.37
C GLU D 195 10.26 16.98 29.69
N PHE D 196 9.12 16.34 29.89
CA PHE D 196 7.89 16.81 29.28
C PHE D 196 7.39 18.08 29.95
N ALA D 197 7.86 18.34 31.16
CA ALA D 197 7.46 19.54 31.88
C ALA D 197 7.85 20.80 31.11
N ALA D 198 8.91 20.71 30.32
CA ALA D 198 9.41 21.83 29.54
C ALA D 198 8.67 22.10 28.22
N PHE D 199 7.89 21.12 27.75
CA PHE D 199 7.16 21.31 26.49
C PHE D 199 5.87 22.07 26.81
N THR D 200 5.73 23.21 26.16
CA THR D 200 4.62 24.14 26.38
C THR D 200 3.22 23.86 25.84
N HIS D 201 2.26 24.61 26.39
CA HIS D 201 0.86 24.54 26.01
C HIS D 201 0.15 23.21 26.26
N PRO D 202 0.42 22.55 27.39
CA PRO D 202 -0.23 21.27 27.68
C PRO D 202 -1.73 21.46 27.84
N VAL D 203 -2.52 20.50 27.38
CA VAL D 203 -3.98 20.58 27.48
C VAL D 203 -4.53 19.35 28.21
N THR D 204 -4.31 18.17 27.64
CA THR D 204 -4.82 16.93 28.22
C THR D 204 -3.95 15.76 27.82
N ALA D 205 -4.00 14.68 28.59
CA ALA D 205 -3.18 13.50 28.30
C ALA D 205 -3.93 12.22 28.61
N ALA D 206 -3.45 11.12 28.05
CA ALA D 206 -4.05 9.80 28.25
C ALA D 206 -2.94 8.77 28.11
N ALA D 207 -3.22 7.55 28.58
CA ALA D 207 -2.22 6.49 28.49
C ALA D 207 -2.86 5.13 28.68
N ALA D 208 -2.13 4.10 28.25
CA ALA D 208 -2.57 2.72 28.38
C ALA D 208 -1.37 2.03 29.00
N PHE D 209 -1.62 1.20 30.01
CA PHE D 209 -0.53 0.51 30.68
C PHE D 209 -0.84 -0.96 30.85
N ASN D 210 0.17 -1.80 30.68
CA ASN D 210 -0.03 -3.24 30.84
C ASN D 210 1.07 -3.78 31.75
N ASP D 211 0.69 -4.11 32.99
CA ASP D 211 1.63 -4.65 33.96
C ASP D 211 1.74 -6.17 33.82
N GLY D 212 1.09 -6.71 32.79
CA GLY D 212 1.14 -8.15 32.56
C GLY D 212 -0.22 -8.80 32.65
N GLU D 213 -1.20 -8.10 33.22
CA GLU D 213 -2.54 -8.66 33.34
C GLU D 213 -3.55 -7.99 32.43
N GLY D 214 -3.09 -7.25 31.43
CA GLY D 214 -4.00 -6.60 30.51
C GLY D 214 -3.84 -5.10 30.43
N TRP D 215 -4.35 -4.52 29.34
CA TRP D 215 -4.26 -3.07 29.13
C TRP D 215 -5.31 -2.29 29.91
N ASN D 216 -4.85 -1.30 30.67
CA ASN D 216 -5.74 -0.42 31.44
C ASN D 216 -5.54 1.00 30.93
N LEU D 217 -6.60 1.78 30.90
CA LEU D 217 -6.55 3.16 30.41
C LEU D 217 -6.76 4.21 31.48
N ALA D 218 -6.28 5.43 31.21
CA ALA D 218 -6.43 6.55 32.13
C ALA D 218 -6.18 7.87 31.41
N THR D 219 -6.75 8.95 31.95
CA THR D 219 -6.54 10.28 31.39
C THR D 219 -6.14 11.22 32.52
N ARG D 220 -5.50 12.33 32.17
CA ARG D 220 -5.08 13.32 33.17
C ARG D 220 -5.25 14.70 32.56
N GLU D 221 -5.69 15.65 33.40
CA GLU D 221 -5.90 17.04 32.99
C GLU D 221 -4.92 17.91 33.76
N MET D 222 -4.74 19.15 33.28
CA MET D 222 -3.84 20.08 33.95
C MET D 222 -4.42 20.44 35.33
P IMP E . -28.20 3.38 7.59
O1P IMP E . -28.28 2.45 6.42
O2P IMP E . -28.57 4.76 7.17
O3P IMP E . -29.17 2.90 8.70
O5' IMP E . -26.71 3.38 8.16
C5' IMP E . -26.16 2.09 8.47
C4' IMP E . -24.75 2.18 8.97
O4' IMP E . -24.06 2.71 7.77
C3' IMP E . -24.43 3.20 10.09
O3' IMP E . -24.39 2.63 11.39
C2' IMP E . -23.11 3.82 9.72
O2' IMP E . -22.00 3.21 10.35
C1' IMP E . -23.11 3.70 8.18
N9 IMP E . -23.53 5.00 7.50
C8 IMP E . -24.64 5.81 7.63
N7 IMP E . -24.61 6.84 6.85
C5 IMP E . -23.45 6.75 6.16
C6 IMP E . -22.88 7.61 5.16
O6 IMP E . -23.36 8.64 4.70
N1 IMP E . -21.60 7.16 4.66
C2 IMP E . -20.98 5.98 5.12
N3 IMP E . -21.54 5.18 6.07
C4 IMP E . -22.74 5.62 6.54
P IMP F . 3.24 -16.26 -24.49
O1P IMP F . 1.78 -15.94 -24.54
O2P IMP F . 3.44 -17.60 -23.86
O3P IMP F . 3.83 -16.27 -25.92
O5' IMP F . 4.00 -15.15 -23.62
C5' IMP F . 3.45 -13.83 -23.70
C4' IMP F . 4.20 -12.84 -22.85
O4' IMP F . 3.74 -13.22 -21.49
C3' IMP F . 5.73 -12.95 -22.79
O3' IMP F . 6.38 -12.05 -23.67
C2' IMP F . 6.10 -12.67 -21.36
O2' IMP F . 6.42 -11.32 -21.14
C1' IMP F . 4.85 -13.14 -20.59
N9 IMP F . 5.02 -14.51 -20.00
C8 IMP F . 5.43 -15.71 -20.56
N7 IMP F . 5.42 -16.69 -19.71
C5 IMP F . 5.00 -16.16 -18.52
C6 IMP F . 4.78 -16.77 -17.24
O6 IMP F . 4.97 -17.95 -16.95
N1 IMP F . 4.31 -15.85 -16.22
C2 IMP F . 4.07 -14.49 -16.48
N3 IMP F . 4.28 -13.92 -17.71
C4 IMP F . 4.73 -14.80 -18.66
P IMP G . 27.58 -11.06 0.13
O1P IMP G . 27.69 -10.04 1.22
O2P IMP G . 28.17 -10.52 -1.14
O3P IMP G . 28.33 -12.34 0.54
O5' IMP G . 26.04 -11.41 -0.11
C5' IMP G . 25.29 -11.72 1.05
C4' IMP G . 23.85 -12.04 0.73
O4' IMP G . 23.38 -10.75 0.19
C3' IMP G . 23.58 -13.04 -0.38
O3' IMP G . 23.46 -14.38 0.07
C2' IMP G . 22.33 -12.52 -1.06
O2' IMP G . 21.13 -13.05 -0.54
C1' IMP G . 22.46 -11.00 -0.88
N9 IMP G . 23.05 -10.31 -2.10
C8 IMP G . 24.23 -10.51 -2.78
N7 IMP G . 24.38 -9.70 -3.80
C5 IMP G . 23.27 -8.91 -3.80
C6 IMP G . 22.87 -7.83 -4.68
O6 IMP G . 23.51 -7.39 -5.64
N1 IMP G . 21.60 -7.24 -4.33
C2 IMP G . 20.82 -7.68 -3.25
N3 IMP G . 21.21 -8.71 -2.43
C4 IMP G . 22.41 -9.27 -2.75
P IMP H . -1.66 24.18 17.11
O1P IMP H . -0.17 24.02 17.02
O2P IMP H . -2.15 23.65 18.42
O3P IMP H . -2.03 25.68 16.99
O5' IMP H . -2.36 23.36 15.92
C5' IMP H . -1.90 23.67 14.61
C4' IMP H . -2.57 22.87 13.51
O4' IMP H . -2.30 21.48 13.95
C3' IMP H . -4.09 22.95 13.38
O3' IMP H . -4.54 23.92 12.42
C2' IMP H . -4.52 21.56 12.98
O2' IMP H . -4.66 21.36 11.58
C1' IMP H . -3.44 20.68 13.63
N9 IMP H . -3.91 20.08 14.93
C8 IMP H . -4.47 20.64 16.06
N7 IMP H . -4.75 19.76 16.98
C5 IMP H . -4.37 18.56 16.45
C6 IMP H . -4.42 17.23 17.00
O6 IMP H . -4.85 16.90 18.10
N1 IMP H . -3.90 16.21 16.12
C2 IMP H . -3.40 16.50 14.84
N3 IMP H . -3.35 17.77 14.34
C4 IMP H . -3.84 18.72 15.18
#